data_7CVU
#
_entry.id   7CVU
#
_cell.length_a   38.265
_cell.length_b   97.076
_cell.length_c   106.519
_cell.angle_alpha   90.000
_cell.angle_beta   93.380
_cell.angle_gamma   90.000
#
_symmetry.space_group_name_H-M   'P 1 21 1'
#
loop_
_entity.id
_entity.type
_entity.pdbx_description
1 polymer 'O-methyltransferase family 3'
2 non-polymer GLYCEROL
3 water water
#
_entity_poly.entity_id   1
_entity_poly.type   'polypeptide(L)'
_entity_poly.pdbx_seq_one_letter_code
;MNNQIFESVDHYISDLLGYEDDALLAATNSLAEAGMPAISVSPNQGKFLQLLAQLCQAKNILELGTLAGYSTIWMARALP
KNGRLITLEYDPKHAAVAQKNIDRAGLTSQVQIRTGKAIDILPQLVEEGAGPFDMIFIDADKPPYTEYFQWALRLSRPGT
LIVADNVIRDGKVLDENSTEPAVQGARRFNAMLGANTAVDATILQMVGVKEYDGMALAIVKLEHHHHHH
;
_entity_poly.pdbx_strand_id   A,B,C,D
#
# COMPACT_ATOMS: atom_id res chain seq x y z
N MET A 1 -25.75 1.63 -17.67
CA MET A 1 -26.40 0.96 -18.83
C MET A 1 -25.48 -0.15 -19.29
N ASN A 2 -26.03 -1.32 -19.56
CA ASN A 2 -25.21 -2.47 -20.00
C ASN A 2 -26.04 -3.36 -20.93
N ASN A 3 -25.41 -4.43 -21.41
CA ASN A 3 -26.03 -5.44 -22.28
C ASN A 3 -25.37 -6.75 -21.91
N GLN A 4 -26.14 -7.81 -21.71
CA GLN A 4 -25.59 -9.16 -21.44
C GLN A 4 -24.42 -9.45 -22.37
N ILE A 5 -24.56 -9.18 -23.67
CA ILE A 5 -23.48 -9.58 -24.59
C ILE A 5 -22.19 -8.84 -24.25
N PHE A 6 -22.24 -7.57 -23.80
CA PHE A 6 -21.00 -6.84 -23.44
C PHE A 6 -20.37 -7.46 -22.19
N GLU A 7 -21.18 -7.89 -21.23
CA GLU A 7 -20.64 -8.51 -19.99
C GLU A 7 -20.05 -9.89 -20.32
N SER A 8 -20.70 -10.70 -21.18
CA SER A 8 -20.25 -12.09 -21.44
C SER A 8 -18.95 -12.05 -22.25
N VAL A 9 -18.88 -11.14 -23.23
CA VAL A 9 -17.67 -10.94 -24.07
C VAL A 9 -16.56 -10.41 -23.16
N ASP A 10 -16.87 -9.55 -22.19
CA ASP A 10 -15.79 -8.97 -21.34
C ASP A 10 -15.19 -10.08 -20.45
N HIS A 11 -16.01 -11.01 -19.99
CA HIS A 11 -15.49 -12.14 -19.17
C HIS A 11 -14.59 -13.02 -20.02
N TYR A 12 -15.00 -13.26 -21.27
CA TYR A 12 -14.25 -14.03 -22.27
C TYR A 12 -12.88 -13.38 -22.47
N ILE A 13 -12.90 -12.06 -22.60
CA ILE A 13 -11.65 -11.27 -22.82
C ILE A 13 -10.80 -11.34 -21.55
N SER A 14 -11.37 -11.18 -20.34
CA SER A 14 -10.50 -11.08 -19.14
C SER A 14 -9.94 -12.46 -18.81
N ASP A 15 -10.68 -13.51 -19.16
CA ASP A 15 -10.23 -14.91 -19.02
C ASP A 15 -8.96 -15.13 -19.85
N LEU A 16 -8.84 -14.43 -20.98
CA LEU A 16 -7.66 -14.57 -21.87
C LEU A 16 -6.57 -13.57 -21.49
N LEU A 17 -6.92 -12.32 -21.19
CA LEU A 17 -5.94 -11.20 -21.26
C LEU A 17 -6.07 -10.26 -20.05
N GLY A 18 -6.89 -10.60 -19.06
CA GLY A 18 -7.26 -9.68 -17.98
C GLY A 18 -7.03 -10.25 -16.59
N TYR A 19 -6.01 -11.10 -16.47
CA TYR A 19 -5.77 -11.80 -15.17
C TYR A 19 -5.54 -10.74 -14.11
N GLU A 20 -6.19 -10.93 -12.96
CA GLU A 20 -6.07 -10.08 -11.75
C GLU A 20 -5.40 -10.86 -10.63
N ASP A 21 -4.31 -10.34 -10.11
CA ASP A 21 -3.62 -10.98 -8.96
C ASP A 21 -4.38 -10.66 -7.67
N ASP A 22 -3.90 -11.23 -6.57
CA ASP A 22 -4.57 -11.07 -5.26
C ASP A 22 -4.68 -9.59 -4.89
N ALA A 23 -3.65 -8.78 -5.19
CA ALA A 23 -3.60 -7.35 -4.81
C ALA A 23 -4.76 -6.61 -5.45
N LEU A 24 -5.05 -6.91 -6.72
CA LEU A 24 -6.15 -6.22 -7.44
C LEU A 24 -7.49 -6.68 -6.92
N LEU A 25 -7.67 -7.97 -6.56
CA LEU A 25 -8.96 -8.46 -6.03
C LEU A 25 -9.16 -7.84 -4.64
N ALA A 26 -8.11 -7.74 -3.84
CA ALA A 26 -8.14 -7.15 -2.49
C ALA A 26 -8.54 -5.68 -2.62
N ALA A 27 -7.99 -4.95 -3.59
CA ALA A 27 -8.31 -3.52 -3.83
C ALA A 27 -9.81 -3.41 -4.12
N THR A 28 -10.34 -4.29 -4.93
CA THR A 28 -11.77 -4.29 -5.28
C THR A 28 -12.56 -4.51 -3.97
N ASN A 29 -12.14 -5.48 -3.17
CA ASN A 29 -12.95 -5.92 -1.98
C ASN A 29 -12.85 -4.87 -0.87
N SER A 30 -11.82 -4.02 -0.89
CA SER A 30 -11.43 -3.12 0.24
C SER A 30 -12.52 -2.05 0.44
N LEU A 31 -13.25 -1.67 -0.61
CA LEU A 31 -14.31 -0.63 -0.54
C LEU A 31 -15.46 -1.10 0.36
N ALA A 32 -15.99 -2.30 0.12
CA ALA A 32 -17.10 -2.91 0.89
C ALA A 32 -16.62 -3.11 2.33
N GLU A 33 -15.50 -3.83 2.51
CA GLU A 33 -14.89 -4.19 3.83
C GLU A 33 -14.71 -2.95 4.72
N ALA A 34 -14.95 -1.74 4.22
CA ALA A 34 -15.12 -0.48 5.01
C ALA A 34 -16.33 0.32 4.48
N GLY A 35 -16.21 0.98 3.33
CA GLY A 35 -17.30 1.78 2.72
C GLY A 35 -16.78 3.11 2.20
N SER A 40 -17.54 -0.27 -9.03
CA SER A 40 -17.41 -1.32 -10.08
C SER A 40 -16.06 -1.17 -10.80
N VAL A 41 -15.34 -2.26 -11.02
CA VAL A 41 -14.04 -2.16 -11.75
C VAL A 41 -14.02 -3.11 -12.93
N SER A 42 -13.15 -2.80 -13.88
CA SER A 42 -12.96 -3.60 -15.11
C SER A 42 -11.48 -3.91 -15.26
N PRO A 43 -11.08 -5.18 -15.09
CA PRO A 43 -9.69 -5.57 -15.34
C PRO A 43 -9.29 -5.26 -16.78
N ASN A 44 -10.22 -5.37 -17.73
CA ASN A 44 -9.86 -5.12 -19.17
C ASN A 44 -9.57 -3.63 -19.33
N GLN A 45 -10.29 -2.76 -18.63
CA GLN A 45 -10.03 -1.30 -18.70
C GLN A 45 -8.69 -1.02 -18.00
N GLY A 46 -8.41 -1.71 -16.91
CA GLY A 46 -7.11 -1.61 -16.24
C GLY A 46 -6.00 -2.00 -17.18
N LYS A 47 -6.14 -3.12 -17.88
CA LYS A 47 -5.09 -3.61 -18.80
C LYS A 47 -4.89 -2.58 -19.92
N PHE A 48 -6.00 -2.02 -20.44
CA PHE A 48 -5.97 -0.95 -21.45
C PHE A 48 -5.17 0.25 -20.97
N LEU A 49 -5.47 0.76 -19.77
CA LEU A 49 -4.72 1.91 -19.23
C LEU A 49 -3.24 1.53 -19.10
N GLN A 50 -2.94 0.31 -18.64
CA GLN A 50 -1.54 -0.13 -18.49
C GLN A 50 -0.85 -0.09 -19.85
N LEU A 51 -1.53 -0.60 -20.88
CA LEU A 51 -0.96 -0.70 -22.24
C LEU A 51 -0.76 0.73 -22.80
N LEU A 52 -1.68 1.65 -22.50
CA LEU A 52 -1.51 3.09 -22.88
C LEU A 52 -0.25 3.61 -22.21
N ALA A 53 -0.07 3.34 -20.92
CA ALA A 53 1.14 3.78 -20.18
C ALA A 53 2.38 3.22 -20.88
N GLN A 54 2.36 1.94 -21.26
CA GLN A 54 3.49 1.27 -21.98
C GLN A 54 3.73 1.94 -23.35
N LEU A 55 2.69 2.29 -24.11
CA LEU A 55 2.82 3.02 -25.39
C LEU A 55 3.45 4.40 -25.19
N CYS A 56 3.21 5.04 -24.02
CA CYS A 56 3.82 6.35 -23.69
C CYS A 56 5.25 6.16 -23.18
N GLN A 57 5.73 4.91 -23.06
CA GLN A 57 6.93 4.53 -22.30
C GLN A 57 6.97 5.34 -20.99
N ALA A 58 5.88 5.28 -20.19
CA ALA A 58 5.69 6.21 -19.07
C ALA A 58 6.73 5.97 -17.98
N LYS A 59 7.28 7.07 -17.47
CA LYS A 59 8.16 7.09 -16.27
C LYS A 59 7.50 7.92 -15.17
N ASN A 60 6.58 8.82 -15.52
CA ASN A 60 5.93 9.78 -14.60
C ASN A 60 4.45 9.89 -15.02
N ILE A 61 3.54 9.47 -14.15
CA ILE A 61 2.08 9.36 -14.39
C ILE A 61 1.41 10.18 -13.31
N LEU A 62 0.41 10.94 -13.73
CA LEU A 62 -0.46 11.70 -12.82
C LEU A 62 -1.89 11.15 -12.92
N GLU A 63 -2.48 10.85 -11.78
CA GLU A 63 -3.86 10.33 -11.71
C GLU A 63 -4.68 11.26 -10.84
N LEU A 64 -5.84 11.67 -11.36
CA LEU A 64 -6.83 12.42 -10.55
C LEU A 64 -7.97 11.48 -10.18
N GLY A 65 -8.10 11.14 -8.89
CA GLY A 65 -9.18 10.26 -8.42
C GLY A 65 -8.71 8.86 -8.07
N THR A 66 -8.02 8.70 -6.95
CA THR A 66 -7.38 7.42 -6.57
C THR A 66 -8.44 6.34 -6.30
N LEU A 67 -9.46 6.71 -5.53
CA LEU A 67 -10.46 5.76 -4.98
C LEU A 67 -9.72 4.76 -4.10
N ALA A 68 -9.83 3.46 -4.37
CA ALA A 68 -9.06 2.44 -3.59
C ALA A 68 -7.79 2.01 -4.34
N GLY A 69 -7.38 2.72 -5.41
CA GLY A 69 -6.11 2.44 -6.09
C GLY A 69 -6.21 1.32 -7.13
N TYR A 70 -7.40 0.91 -7.56
CA TYR A 70 -7.54 -0.19 -8.56
C TYR A 70 -6.82 0.22 -9.87
N SER A 71 -7.23 1.32 -10.48
CA SER A 71 -6.60 1.79 -11.74
C SER A 71 -5.15 2.19 -11.44
N THR A 72 -4.87 2.72 -10.25
CA THR A 72 -3.49 3.09 -9.83
C THR A 72 -2.56 1.88 -9.95
N ILE A 73 -3.02 0.72 -9.47
CA ILE A 73 -2.19 -0.50 -9.51
C ILE A 73 -1.87 -0.89 -10.96
N TRP A 74 -2.91 -0.91 -11.81
CA TRP A 74 -2.70 -1.30 -13.22
C TRP A 74 -1.65 -0.38 -13.84
N MET A 75 -1.85 0.94 -13.69
CA MET A 75 -0.99 1.96 -14.33
C MET A 75 0.44 1.92 -13.74
N ALA A 76 0.61 1.87 -12.42
CA ALA A 76 1.95 1.91 -11.82
C ALA A 76 2.72 0.64 -12.21
N ARG A 77 2.02 -0.44 -12.51
CA ARG A 77 2.66 -1.70 -12.97
C ARG A 77 3.31 -1.55 -14.36
N ALA A 78 3.03 -0.48 -15.13
CA ALA A 78 3.70 -0.19 -16.42
C ALA A 78 5.06 0.44 -16.14
N LEU A 79 5.23 0.99 -14.94
CA LEU A 79 6.42 1.83 -14.62
C LEU A 79 7.62 0.93 -14.44
N PRO A 80 8.82 1.43 -14.78
CA PRO A 80 10.06 0.81 -14.32
C PRO A 80 10.28 1.12 -12.83
N LYS A 81 11.31 0.52 -12.22
CA LYS A 81 11.44 0.55 -10.74
C LYS A 81 11.60 2.00 -10.26
N ASN A 82 12.26 2.86 -11.03
CA ASN A 82 12.48 4.29 -10.69
C ASN A 82 11.34 5.16 -11.25
N GLY A 83 10.29 4.54 -11.78
CA GLY A 83 9.09 5.27 -12.27
C GLY A 83 8.29 5.84 -11.12
N ARG A 84 7.45 6.83 -11.37
CA ARG A 84 6.64 7.46 -10.30
C ARG A 84 5.22 7.73 -10.82
N LEU A 85 4.22 7.40 -10.01
CA LEU A 85 2.80 7.76 -10.23
C LEU A 85 2.35 8.64 -9.06
N ILE A 86 2.00 9.89 -9.33
CA ILE A 86 1.32 10.75 -8.33
C ILE A 86 -0.19 10.62 -8.53
N THR A 87 -0.93 10.33 -7.46
CA THR A 87 -2.40 10.14 -7.53
C THR A 87 -3.02 11.04 -6.45
N LEU A 88 -4.08 11.76 -6.84
CA LEU A 88 -4.77 12.78 -6.01
C LEU A 88 -6.12 12.21 -5.58
N GLU A 89 -6.41 12.27 -4.29
CA GLU A 89 -7.63 11.69 -3.70
C GLU A 89 -8.22 12.74 -2.73
N TYR A 90 -9.49 13.07 -2.92
CA TYR A 90 -10.21 14.04 -2.07
C TYR A 90 -10.38 13.48 -0.64
N ASP A 91 -10.69 12.20 -0.52
CA ASP A 91 -11.24 11.61 0.73
C ASP A 91 -10.11 10.91 1.49
N PRO A 92 -9.72 11.39 2.70
CA PRO A 92 -8.57 10.82 3.41
C PRO A 92 -8.74 9.33 3.74
N LYS A 93 -10.00 8.89 3.94
CA LYS A 93 -10.38 7.50 4.28
C LYS A 93 -10.08 6.60 3.08
N HIS A 94 -10.37 7.08 1.87
CA HIS A 94 -10.00 6.41 0.59
C HIS A 94 -8.48 6.36 0.44
N ALA A 95 -7.79 7.48 0.65
CA ALA A 95 -6.32 7.56 0.48
C ALA A 95 -5.63 6.51 1.36
N ALA A 96 -6.06 6.35 2.62
CA ALA A 96 -5.50 5.37 3.58
C ALA A 96 -5.69 3.94 3.05
N VAL A 97 -6.88 3.65 2.54
CA VAL A 97 -7.24 2.30 2.03
C VAL A 97 -6.40 2.09 0.76
N ALA A 98 -6.36 3.08 -0.13
CA ALA A 98 -5.52 3.00 -1.35
C ALA A 98 -4.07 2.73 -0.96
N GLN A 99 -3.56 3.35 0.11
CA GLN A 99 -2.14 3.17 0.52
C GLN A 99 -1.92 1.68 0.86
N LYS A 100 -2.82 1.10 1.64
CA LYS A 100 -2.72 -0.33 2.05
C LYS A 100 -2.73 -1.21 0.80
N ASN A 101 -3.62 -0.88 -0.14
CA ASN A 101 -3.79 -1.58 -1.44
C ASN A 101 -2.51 -1.44 -2.27
N ILE A 102 -1.94 -0.24 -2.37
CA ILE A 102 -0.68 0.02 -3.11
C ILE A 102 0.44 -0.81 -2.48
N ASP A 103 0.51 -0.88 -1.14
CA ASP A 103 1.61 -1.56 -0.42
C ASP A 103 1.50 -3.07 -0.65
N ARG A 104 0.28 -3.61 -0.53
CA ARG A 104 0.01 -5.05 -0.80
C ARG A 104 0.42 -5.39 -2.25
N ALA A 105 0.21 -4.48 -3.22
CA ALA A 105 0.50 -4.71 -4.65
C ALA A 105 2.01 -4.64 -4.91
N GLY A 106 2.79 -4.20 -3.91
CA GLY A 106 4.26 -4.07 -3.95
C GLY A 106 4.71 -2.77 -4.60
N LEU A 107 3.88 -1.73 -4.55
CA LEU A 107 4.10 -0.51 -5.38
C LEU A 107 4.39 0.70 -4.50
N THR A 108 4.74 0.51 -3.22
CA THR A 108 5.01 1.62 -2.28
C THR A 108 6.01 2.63 -2.86
N SER A 109 7.10 2.16 -3.48
CA SER A 109 8.22 3.04 -3.87
C SER A 109 7.84 3.85 -5.11
N GLN A 110 6.90 3.35 -5.92
CA GLN A 110 6.54 3.97 -7.22
C GLN A 110 5.31 4.89 -7.06
N VAL A 111 4.52 4.79 -5.99
CA VAL A 111 3.27 5.58 -5.92
C VAL A 111 3.33 6.61 -4.80
N GLN A 112 2.91 7.84 -5.10
CA GLN A 112 2.71 8.90 -4.07
C GLN A 112 1.26 9.38 -4.08
N ILE A 113 0.56 9.16 -2.96
CA ILE A 113 -0.87 9.50 -2.84
C ILE A 113 -0.94 10.86 -2.17
N ARG A 114 -1.55 11.84 -2.82
CA ARG A 114 -1.77 13.15 -2.17
C ARG A 114 -3.25 13.33 -1.88
N THR A 115 -3.57 13.79 -0.67
CA THR A 115 -4.96 13.95 -0.22
C THR A 115 -5.31 15.45 -0.27
N GLY A 116 -6.42 15.77 -0.92
CA GLY A 116 -6.99 17.13 -0.98
C GLY A 116 -7.74 17.35 -2.27
N LYS A 117 -8.07 18.61 -2.56
CA LYS A 117 -8.81 19.01 -3.78
C LYS A 117 -7.85 19.06 -4.97
N ALA A 118 -8.15 18.37 -6.08
CA ALA A 118 -7.27 18.37 -7.26
C ALA A 118 -7.01 19.80 -7.76
N ILE A 119 -8.01 20.67 -7.72
CA ILE A 119 -7.88 22.06 -8.22
C ILE A 119 -6.90 22.87 -7.34
N ASP A 120 -6.68 22.49 -6.08
CA ASP A 120 -5.66 23.08 -5.17
C ASP A 120 -4.30 22.41 -5.37
N ILE A 121 -4.25 21.11 -5.65
CA ILE A 121 -2.97 20.35 -5.71
C ILE A 121 -2.32 20.59 -7.08
N LEU A 122 -3.10 20.72 -8.15
CA LEU A 122 -2.53 20.89 -9.50
C LEU A 122 -1.53 22.07 -9.58
N PRO A 123 -1.90 23.30 -9.14
CA PRO A 123 -0.94 24.40 -9.11
C PRO A 123 0.27 24.11 -8.19
N GLN A 124 0.07 23.33 -7.11
CA GLN A 124 1.20 22.95 -6.22
C GLN A 124 2.19 22.10 -7.03
N LEU A 125 1.67 21.17 -7.83
CA LEU A 125 2.56 20.31 -8.68
C LEU A 125 3.37 21.20 -9.64
N VAL A 126 2.74 22.22 -10.20
CA VAL A 126 3.43 23.15 -11.14
C VAL A 126 4.55 23.90 -10.38
N GLU A 127 4.23 24.41 -9.20
CA GLU A 127 5.17 25.17 -8.32
C GLU A 127 6.38 24.32 -7.99
N GLU A 128 6.16 23.04 -7.69
CA GLU A 128 7.19 22.04 -7.30
C GLU A 128 8.03 21.59 -8.51
N GLY A 129 7.61 21.88 -9.73
CA GLY A 129 8.18 21.28 -10.94
C GLY A 129 8.04 19.75 -11.01
N ALA A 130 6.89 19.19 -10.62
CA ALA A 130 6.58 17.73 -10.59
C ALA A 130 6.47 17.15 -12.00
N GLY A 131 6.06 17.95 -12.97
CA GLY A 131 5.97 17.45 -14.35
C GLY A 131 7.32 17.43 -15.06
N PRO A 132 7.30 17.20 -16.39
CA PRO A 132 6.06 16.84 -17.07
C PRO A 132 5.73 15.34 -16.94
N PHE A 133 4.46 15.00 -17.08
CA PHE A 133 3.95 13.62 -17.00
C PHE A 133 3.87 13.07 -18.43
N ASP A 134 4.22 11.82 -18.57
CA ASP A 134 4.09 11.09 -19.86
C ASP A 134 2.61 10.77 -20.10
N MET A 135 1.85 10.52 -19.06
CA MET A 135 0.42 10.14 -19.16
C MET A 135 -0.30 10.71 -17.94
N ILE A 136 -1.50 11.22 -18.18
CA ILE A 136 -2.35 11.79 -17.12
C ILE A 136 -3.72 11.12 -17.23
N PHE A 137 -4.23 10.61 -16.13
CA PHE A 137 -5.52 9.91 -16.08
C PHE A 137 -6.47 10.67 -15.15
N ILE A 138 -7.55 11.21 -15.71
CA ILE A 138 -8.57 11.99 -14.96
C ILE A 138 -9.83 11.15 -14.81
N ASP A 139 -10.18 10.77 -13.59
CA ASP A 139 -11.52 10.19 -13.29
C ASP A 139 -11.96 10.73 -11.93
N ALA A 140 -12.31 12.00 -11.90
CA ALA A 140 -12.71 12.75 -10.68
C ALA A 140 -14.07 13.40 -10.93
N ASP A 141 -14.43 14.42 -10.12
CA ASP A 141 -15.72 15.13 -10.28
C ASP A 141 -15.77 15.80 -11.67
N LYS A 142 -16.94 15.79 -12.30
CA LYS A 142 -17.09 16.22 -13.72
C LYS A 142 -17.12 17.74 -13.88
N PRO A 143 -17.80 18.56 -13.05
CA PRO A 143 -17.86 19.98 -13.35
C PRO A 143 -16.49 20.59 -13.68
N PRO A 144 -15.43 20.30 -12.91
CA PRO A 144 -14.11 20.92 -13.17
C PRO A 144 -13.30 20.28 -14.31
N TYR A 145 -13.82 19.25 -15.01
CA TYR A 145 -12.99 18.57 -16.03
C TYR A 145 -12.28 19.61 -16.89
N THR A 146 -13.00 20.64 -17.42
CA THR A 146 -12.33 21.61 -18.33
C THR A 146 -11.13 22.27 -17.61
N GLU A 147 -11.27 22.65 -16.33
CA GLU A 147 -10.18 23.34 -15.59
C GLU A 147 -9.04 22.34 -15.28
N TYR A 148 -9.36 21.09 -14.98
CA TYR A 148 -8.32 20.07 -14.74
C TYR A 148 -7.49 19.86 -16.02
N PHE A 149 -8.18 19.87 -17.16
CA PHE A 149 -7.52 19.75 -18.48
C PHE A 149 -6.46 20.84 -18.66
N GLN A 150 -6.74 22.12 -18.33
CA GLN A 150 -5.77 23.19 -18.57
C GLN A 150 -4.54 23.00 -17.70
N TRP A 151 -4.74 22.61 -16.45
CA TRP A 151 -3.61 22.30 -15.55
C TRP A 151 -2.87 21.09 -16.10
N ALA A 152 -3.59 20.07 -16.53
CA ALA A 152 -2.96 18.87 -17.14
C ALA A 152 -2.02 19.30 -18.28
N LEU A 153 -2.47 20.16 -19.20
CA LEU A 153 -1.61 20.65 -20.31
C LEU A 153 -0.36 21.35 -19.74
N ARG A 154 -0.48 22.09 -18.62
CA ARG A 154 0.67 22.84 -18.07
C ARG A 154 1.66 21.82 -17.49
N LEU A 155 1.20 20.62 -17.14
CA LEU A 155 2.03 19.53 -16.55
C LEU A 155 2.41 18.49 -17.60
N SER A 156 2.21 18.79 -18.88
CA SER A 156 2.48 17.87 -20.02
C SER A 156 3.70 18.30 -20.83
N ARG A 157 4.06 17.47 -21.79
CA ARG A 157 5.07 17.79 -22.81
C ARG A 157 4.53 17.32 -24.14
N PRO A 158 5.14 17.69 -25.27
CA PRO A 158 4.65 17.19 -26.56
C PRO A 158 4.60 15.67 -26.52
N GLY A 159 3.48 15.11 -26.95
CA GLY A 159 3.28 13.65 -26.98
C GLY A 159 2.68 13.09 -25.71
N THR A 160 2.46 13.88 -24.65
CA THR A 160 1.80 13.40 -23.43
C THR A 160 0.41 12.88 -23.80
N LEU A 161 -0.01 11.77 -23.19
CA LEU A 161 -1.39 11.26 -23.35
C LEU A 161 -2.19 11.70 -22.12
N ILE A 162 -3.32 12.34 -22.37
CA ILE A 162 -4.32 12.73 -21.35
C ILE A 162 -5.58 11.92 -21.60
N VAL A 163 -5.94 11.17 -20.57
CA VAL A 163 -7.16 10.35 -20.58
C VAL A 163 -8.16 10.90 -19.58
N ALA A 164 -9.41 11.06 -20.00
CA ALA A 164 -10.47 11.61 -19.12
C ALA A 164 -11.67 10.65 -19.18
N ASP A 165 -11.99 10.02 -18.08
CA ASP A 165 -13.01 8.94 -18.08
C ASP A 165 -14.41 9.44 -17.76
N ASN A 166 -15.40 8.70 -18.27
CA ASN A 166 -16.84 8.83 -17.90
C ASN A 166 -17.40 10.17 -18.40
N VAL A 167 -17.27 10.42 -19.70
CA VAL A 167 -17.63 11.74 -20.28
C VAL A 167 -18.87 11.64 -21.17
N ILE A 168 -19.60 10.50 -21.24
CA ILE A 168 -20.80 10.43 -22.12
C ILE A 168 -22.10 10.30 -21.29
N ARG A 169 -22.05 9.75 -20.08
CA ARG A 169 -23.17 9.85 -19.08
C ARG A 169 -24.44 9.26 -19.67
N ASP A 170 -24.33 8.06 -20.28
CA ASP A 170 -25.48 7.33 -20.86
C ASP A 170 -26.12 8.06 -22.05
N GLY A 171 -25.41 8.97 -22.71
CA GLY A 171 -25.97 9.72 -23.84
C GLY A 171 -26.57 11.05 -23.39
N LYS A 172 -26.62 11.32 -22.08
CA LYS A 172 -27.24 12.58 -21.57
C LYS A 172 -26.44 13.78 -22.07
N VAL A 173 -25.14 13.63 -22.36
CA VAL A 173 -24.34 14.81 -22.79
C VAL A 173 -24.84 15.25 -24.18
N LEU A 174 -25.68 14.44 -24.87
CA LEU A 174 -26.32 14.86 -26.15
C LEU A 174 -27.46 15.87 -25.88
N ASP A 175 -27.92 16.01 -24.65
CA ASP A 175 -29.06 16.90 -24.32
C ASP A 175 -28.54 18.30 -24.00
N GLU A 176 -28.67 19.26 -24.91
CA GLU A 176 -28.15 20.63 -24.68
C GLU A 176 -28.89 21.27 -23.50
N ASN A 177 -30.11 20.80 -23.18
CA ASN A 177 -30.96 21.39 -22.10
C ASN A 177 -30.74 20.71 -20.76
N SER A 178 -29.77 19.81 -20.61
CA SER A 178 -29.55 19.14 -19.29
C SER A 178 -29.18 20.20 -18.26
N THR A 179 -29.66 20.04 -17.04
CA THR A 179 -29.30 20.89 -15.88
C THR A 179 -28.65 20.03 -14.80
N GLU A 180 -28.36 18.75 -15.07
CA GLU A 180 -27.60 17.91 -14.11
C GLU A 180 -26.14 18.37 -14.17
N PRO A 181 -25.51 18.74 -13.03
CA PRO A 181 -24.15 19.28 -13.07
C PRO A 181 -23.11 18.34 -13.69
N ALA A 182 -23.12 17.04 -13.37
CA ALA A 182 -22.17 16.06 -13.96
C ALA A 182 -22.33 16.06 -15.48
N VAL A 183 -23.56 16.15 -16.01
CA VAL A 183 -23.82 16.09 -17.48
C VAL A 183 -23.33 17.40 -18.08
N GLN A 184 -23.64 18.53 -17.44
CA GLN A 184 -23.18 19.85 -17.95
C GLN A 184 -21.64 19.85 -17.99
N GLY A 185 -20.98 19.33 -16.94
CA GLY A 185 -19.50 19.31 -16.79
C GLY A 185 -18.89 18.47 -17.89
N ALA A 186 -19.49 17.30 -18.17
CA ALA A 186 -19.01 16.39 -19.23
C ALA A 186 -19.24 17.04 -20.58
N ARG A 187 -20.45 17.54 -20.83
CA ARG A 187 -20.79 18.26 -22.07
C ARG A 187 -19.83 19.44 -22.32
N ARG A 188 -19.58 20.27 -21.31
CA ARG A 188 -18.59 21.40 -21.40
C ARG A 188 -17.20 20.88 -21.79
N PHE A 189 -16.76 19.79 -21.17
CA PHE A 189 -15.43 19.16 -21.39
C PHE A 189 -15.34 18.70 -22.84
N ASN A 190 -16.36 18.00 -23.32
CA ASN A 190 -16.36 17.45 -24.69
C ASN A 190 -16.29 18.58 -25.70
N ALA A 191 -17.09 19.63 -25.51
CA ALA A 191 -17.15 20.80 -26.42
C ALA A 191 -15.76 21.47 -26.46
N MET A 192 -15.14 21.64 -25.30
CA MET A 192 -13.77 22.19 -25.17
C MET A 192 -12.84 21.29 -25.99
N LEU A 193 -12.91 19.97 -25.82
CA LEU A 193 -12.01 19.05 -26.54
C LEU A 193 -12.22 19.16 -28.04
N GLY A 194 -13.45 19.19 -28.52
CA GLY A 194 -13.81 19.40 -29.93
C GLY A 194 -13.08 20.62 -30.48
N ALA A 195 -13.06 21.72 -29.74
CA ALA A 195 -12.52 23.02 -30.22
C ALA A 195 -11.00 23.16 -29.91
N ASN A 196 -10.43 22.27 -29.12
CA ASN A 196 -9.05 22.46 -28.62
C ASN A 196 -8.02 22.09 -29.70
N THR A 197 -7.05 22.97 -29.95
CA THR A 197 -6.03 22.80 -31.01
C THR A 197 -4.64 22.60 -30.39
N ALA A 198 -4.52 22.50 -29.07
CA ALA A 198 -3.29 22.10 -28.34
C ALA A 198 -3.20 20.56 -28.34
N VAL A 199 -4.29 19.83 -28.61
CA VAL A 199 -4.35 18.35 -28.57
C VAL A 199 -5.01 17.81 -29.84
N ASP A 200 -4.70 16.54 -30.13
CA ASP A 200 -5.50 15.70 -31.03
C ASP A 200 -6.24 14.70 -30.17
N ALA A 201 -7.53 14.50 -30.38
CA ALA A 201 -8.33 13.68 -29.44
C ALA A 201 -9.48 12.91 -30.08
N THR A 202 -9.94 11.91 -29.33
CA THR A 202 -11.19 11.16 -29.61
C THR A 202 -11.88 10.83 -28.30
N ILE A 203 -13.09 10.29 -28.41
CA ILE A 203 -13.85 9.68 -27.27
C ILE A 203 -14.22 8.26 -27.72
N LEU A 204 -13.82 7.25 -26.93
CA LEU A 204 -14.22 5.84 -27.14
C LEU A 204 -15.49 5.53 -26.36
N GLN A 205 -16.41 4.82 -27.00
CA GLN A 205 -17.59 4.25 -26.29
C GLN A 205 -17.27 2.84 -25.82
N MET A 206 -16.95 2.70 -24.55
CA MET A 206 -16.41 1.41 -24.06
C MET A 206 -17.50 0.64 -23.31
N VAL A 207 -17.57 -0.66 -23.57
CA VAL A 207 -18.57 -1.50 -22.91
C VAL A 207 -17.84 -2.72 -22.34
N GLY A 208 -18.51 -3.40 -21.44
CA GLY A 208 -17.96 -4.59 -20.78
C GLY A 208 -18.57 -4.78 -19.42
N VAL A 209 -17.81 -5.23 -18.42
CA VAL A 209 -18.42 -5.52 -17.09
C VAL A 209 -18.77 -4.21 -16.37
N LYS A 210 -18.06 -3.13 -16.61
CA LYS A 210 -18.40 -1.78 -16.08
C LYS A 210 -19.52 -1.26 -16.97
N GLU A 211 -20.36 -0.42 -16.41
CA GLU A 211 -21.46 0.21 -17.16
C GLU A 211 -20.88 0.99 -18.33
N TYR A 212 -21.67 1.09 -19.39
CA TYR A 212 -21.33 1.84 -20.62
C TYR A 212 -20.66 3.17 -20.27
N ASP A 213 -19.53 3.43 -20.90
CA ASP A 213 -18.59 4.51 -20.54
C ASP A 213 -18.12 5.19 -21.80
N GLY A 214 -18.01 6.50 -21.79
CA GLY A 214 -17.16 7.24 -22.74
C GLY A 214 -15.80 7.60 -22.13
N MET A 215 -14.73 7.34 -22.86
CA MET A 215 -13.35 7.66 -22.37
C MET A 215 -12.65 8.51 -23.42
N ALA A 216 -12.35 9.77 -23.07
CA ALA A 216 -11.62 10.72 -23.92
C ALA A 216 -10.13 10.37 -23.91
N LEU A 217 -9.49 10.39 -25.07
CA LEU A 217 -8.02 10.22 -25.22
C LEU A 217 -7.50 11.44 -25.99
N ALA A 218 -6.51 12.11 -25.45
CA ALA A 218 -5.99 13.35 -26.07
C ALA A 218 -4.46 13.26 -26.07
N ILE A 219 -3.86 13.53 -27.22
CA ILE A 219 -2.37 13.64 -27.34
C ILE A 219 -1.98 15.11 -27.49
N VAL A 220 -1.05 15.51 -26.63
CA VAL A 220 -0.55 16.91 -26.59
C VAL A 220 0.35 17.16 -27.82
N LYS A 221 0.07 18.24 -28.58
CA LYS A 221 0.76 18.54 -29.83
C LYS A 221 2.03 19.32 -29.51
N LEU A 222 3.02 19.17 -30.36
CA LEU A 222 4.22 20.01 -30.37
C LEU A 222 3.80 21.40 -30.81
N GLU A 223 4.19 22.43 -30.07
CA GLU A 223 3.91 23.86 -30.35
C GLU A 223 5.07 24.41 -31.18
N MET B 1 23.13 10.64 24.09
CA MET B 1 24.14 9.59 24.34
C MET B 1 23.74 8.36 23.53
N ASN B 2 24.70 7.68 22.89
CA ASN B 2 24.36 6.49 22.08
C ASN B 2 25.60 5.59 21.98
N ASN B 3 25.44 4.49 21.30
CA ASN B 3 26.50 3.48 21.10
C ASN B 3 26.23 2.83 19.74
N GLN B 4 27.28 2.64 18.95
CA GLN B 4 27.16 2.00 17.62
C GLN B 4 26.34 0.71 17.73
N ILE B 5 26.56 -0.10 18.76
CA ILE B 5 25.84 -1.40 18.81
C ILE B 5 24.34 -1.17 18.94
N PHE B 6 23.90 -0.17 19.71
CA PHE B 6 22.44 0.12 19.86
C PHE B 6 21.87 0.56 18.52
N GLU B 7 22.60 1.40 17.78
CA GLU B 7 22.08 1.87 16.45
C GLU B 7 22.02 0.72 15.45
N SER B 8 23.08 -0.12 15.37
CA SER B 8 23.18 -1.23 14.39
C SER B 8 22.10 -2.26 14.71
N VAL B 9 21.91 -2.57 15.99
CA VAL B 9 20.85 -3.53 16.37
C VAL B 9 19.48 -2.89 16.09
N ASP B 10 19.33 -1.59 16.29
CA ASP B 10 18.02 -0.95 16.05
C ASP B 10 17.66 -1.05 14.57
N HIS B 11 18.62 -0.87 13.70
CA HIS B 11 18.39 -0.98 12.24
C HIS B 11 18.00 -2.41 11.85
N TYR B 12 18.64 -3.40 12.48
CA TYR B 12 18.35 -4.83 12.30
C TYR B 12 16.88 -5.06 12.70
N ILE B 13 16.47 -4.49 13.83
CA ILE B 13 15.09 -4.67 14.37
C ILE B 13 14.09 -3.95 13.43
N SER B 14 14.33 -2.70 13.08
CA SER B 14 13.34 -1.92 12.28
C SER B 14 13.22 -2.56 10.88
N ASP B 15 14.30 -3.13 10.33
CA ASP B 15 14.27 -3.86 9.03
C ASP B 15 13.28 -5.04 9.15
N LEU B 16 13.17 -5.66 10.32
CA LEU B 16 12.29 -6.81 10.54
C LEU B 16 10.88 -6.36 10.94
N LEU B 17 10.79 -5.37 11.83
CA LEU B 17 9.55 -5.11 12.63
C LEU B 17 9.19 -3.62 12.78
N GLY B 18 9.84 -2.73 12.07
CA GLY B 18 9.66 -1.28 12.23
C GLY B 18 9.44 -0.58 10.91
N TYR B 19 8.65 -1.16 10.03
CA TYR B 19 8.42 -0.58 8.68
C TYR B 19 7.78 0.79 8.86
N GLU B 20 8.34 1.82 8.21
CA GLU B 20 7.73 3.17 8.13
C GLU B 20 7.28 3.48 6.71
N ASP B 21 6.07 3.98 6.55
CA ASP B 21 5.54 4.45 5.25
C ASP B 21 5.97 5.90 4.99
N ASP B 22 5.66 6.41 3.79
CA ASP B 22 6.06 7.77 3.36
C ASP B 22 5.51 8.80 4.34
N ALA B 23 4.26 8.61 4.74
CA ALA B 23 3.56 9.45 5.73
C ALA B 23 4.45 9.63 6.98
N LEU B 24 5.02 8.55 7.52
CA LEU B 24 5.90 8.76 8.69
C LEU B 24 7.21 9.39 8.28
N LEU B 25 7.74 9.04 7.11
CA LEU B 25 9.01 9.64 6.65
C LEU B 25 8.77 11.15 6.44
N ALA B 26 7.64 11.50 5.84
CA ALA B 26 7.22 12.90 5.55
C ALA B 26 7.07 13.66 6.87
N ALA B 27 6.42 13.06 7.88
CA ALA B 27 6.30 13.68 9.21
C ALA B 27 7.70 13.95 9.75
N THR B 28 8.64 13.02 9.53
CA THR B 28 10.05 13.13 10.02
C THR B 28 10.73 14.32 9.31
N ASN B 29 10.47 14.51 8.01
CA ASN B 29 11.12 15.55 7.17
C ASN B 29 10.51 16.95 7.42
N SER B 30 9.23 17.02 7.78
CA SER B 30 8.40 18.26 7.84
C SER B 30 8.95 19.28 8.83
N LEU B 31 9.68 18.84 9.88
CA LEU B 31 10.17 19.74 10.96
C LEU B 31 11.34 20.59 10.45
N ALA B 32 12.25 20.01 9.67
CA ALA B 32 13.43 20.72 9.11
C ALA B 32 12.94 21.74 8.08
N GLU B 33 12.03 21.34 7.20
CA GLU B 33 11.27 22.23 6.28
C GLU B 33 10.70 23.43 7.05
N ALA B 34 10.51 23.30 8.38
CA ALA B 34 10.16 24.40 9.31
C ALA B 34 11.38 24.73 10.19
N GLY B 35 11.63 23.94 11.24
CA GLY B 35 12.84 24.04 12.09
C GLY B 35 12.71 23.18 13.33
N SER B 42 12.12 7.50 16.19
CA SER B 42 12.46 6.06 16.20
C SER B 42 11.23 5.25 15.81
N PRO B 43 11.27 4.60 14.63
CA PRO B 43 10.17 3.75 14.20
C PRO B 43 9.93 2.60 15.21
N ASN B 44 10.99 2.05 15.83
CA ASN B 44 10.82 0.92 16.79
C ASN B 44 10.12 1.45 18.06
N GLN B 45 10.41 2.66 18.49
CA GLN B 45 9.65 3.27 19.63
C GLN B 45 8.19 3.51 19.19
N GLY B 46 7.96 3.99 17.97
CA GLY B 46 6.59 4.09 17.45
C GLY B 46 5.83 2.76 17.52
N LYS B 47 6.44 1.69 17.02
CA LYS B 47 5.81 0.34 16.99
C LYS B 47 5.51 -0.08 18.43
N PHE B 48 6.43 0.20 19.34
CA PHE B 48 6.23 -0.12 20.78
C PHE B 48 5.01 0.61 21.36
N LEU B 49 4.88 1.91 21.11
CA LEU B 49 3.72 2.67 21.61
C LEU B 49 2.44 2.13 20.96
N GLN B 50 2.48 1.82 19.66
CA GLN B 50 1.33 1.25 18.97
C GLN B 50 0.93 -0.07 19.66
N LEU B 51 1.91 -0.93 19.96
CA LEU B 51 1.60 -2.25 20.59
C LEU B 51 1.04 -2.02 22.00
N LEU B 52 1.60 -1.04 22.73
CA LEU B 52 1.04 -0.69 24.05
C LEU B 52 -0.42 -0.28 23.87
N ALA B 53 -0.73 0.56 22.89
CA ALA B 53 -2.12 1.00 22.65
C ALA B 53 -2.98 -0.23 22.38
N GLN B 54 -2.46 -1.21 21.63
CA GLN B 54 -3.20 -2.46 21.31
C GLN B 54 -3.41 -3.27 22.59
N LEU B 55 -2.41 -3.39 23.47
CA LEU B 55 -2.53 -4.12 24.76
C LEU B 55 -3.63 -3.46 25.65
N CYS B 56 -3.80 -2.15 25.57
CA CYS B 56 -4.85 -1.40 26.32
C CYS B 56 -6.20 -1.55 25.58
N GLN B 57 -6.22 -2.20 24.41
CA GLN B 57 -7.39 -2.22 23.51
C GLN B 57 -7.96 -0.79 23.41
N ALA B 58 -7.07 0.16 23.17
CA ALA B 58 -7.33 1.61 23.19
C ALA B 58 -8.45 1.99 22.21
N LYS B 59 -9.41 2.74 22.72
CA LYS B 59 -10.47 3.43 21.91
C LYS B 59 -10.29 4.94 22.02
N ASN B 60 -9.72 5.40 23.12
CA ASN B 60 -9.54 6.83 23.46
C ASN B 60 -8.12 7.02 23.99
N ILE B 61 -7.33 7.82 23.30
CA ILE B 61 -5.89 8.03 23.64
C ILE B 61 -5.71 9.52 23.84
N LEU B 62 -4.94 9.89 24.87
CA LEU B 62 -4.53 11.28 25.08
C LEU B 62 -3.02 11.38 24.91
N GLU B 63 -2.56 12.37 24.15
CA GLU B 63 -1.11 12.60 23.96
C GLU B 63 -0.78 14.03 24.36
N LEU B 64 0.23 14.19 25.21
CA LEU B 64 0.75 15.53 25.54
C LEU B 64 2.03 15.73 24.75
N GLY B 65 2.04 16.63 23.76
CA GLY B 65 3.23 16.99 22.96
C GLY B 65 3.16 16.44 21.55
N THR B 66 2.37 17.04 20.70
CA THR B 66 2.11 16.52 19.34
C THR B 66 3.38 16.64 18.48
N LEU B 67 4.10 17.75 18.55
CA LEU B 67 5.29 18.02 17.69
C LEU B 67 4.82 17.94 16.23
N ALA B 68 5.38 17.09 15.37
CA ALA B 68 4.94 16.92 13.96
C ALA B 68 4.03 15.71 13.80
N GLY B 69 3.61 15.07 14.90
CA GLY B 69 2.61 14.01 14.85
C GLY B 69 3.19 12.63 14.54
N TYR B 70 4.51 12.48 14.64
CA TYR B 70 5.20 11.18 14.43
C TYR B 70 4.65 10.12 15.39
N SER B 71 4.77 10.33 16.71
CA SER B 71 4.21 9.37 17.69
C SER B 71 2.69 9.31 17.53
N THR B 72 2.03 10.41 17.19
CA THR B 72 0.56 10.49 17.01
C THR B 72 0.09 9.50 15.95
N ILE B 73 0.81 9.45 14.84
CA ILE B 73 0.46 8.57 13.69
C ILE B 73 0.56 7.10 14.15
N TRP B 74 1.65 6.75 14.83
CA TRP B 74 1.83 5.35 15.26
C TRP B 74 0.66 4.97 16.20
N MET B 75 0.35 5.79 17.23
CA MET B 75 -0.71 5.41 18.20
C MET B 75 -2.08 5.43 17.57
N ALA B 76 -2.44 6.44 16.79
CA ALA B 76 -3.78 6.51 16.18
C ALA B 76 -3.98 5.29 15.26
N ARG B 77 -2.92 4.72 14.69
CA ARG B 77 -3.06 3.55 13.77
C ARG B 77 -3.44 2.30 14.59
N ALA B 78 -3.31 2.29 15.92
CA ALA B 78 -3.81 1.18 16.77
C ALA B 78 -5.32 1.30 16.97
N LEU B 79 -5.90 2.47 16.71
CA LEU B 79 -7.33 2.70 17.05
C LEU B 79 -8.22 1.96 16.06
N PRO B 80 -9.42 1.57 16.50
CA PRO B 80 -10.48 1.16 15.59
C PRO B 80 -11.05 2.39 14.88
N LYS B 81 -11.87 2.19 13.85
CA LYS B 81 -12.46 3.25 13.00
C LYS B 81 -13.12 4.36 13.85
N ASN B 82 -13.91 3.99 14.85
CA ASN B 82 -14.62 4.94 15.77
C ASN B 82 -13.73 5.42 16.93
N GLY B 83 -12.46 5.04 16.98
CA GLY B 83 -11.55 5.45 18.07
C GLY B 83 -11.12 6.89 17.91
N ARG B 84 -10.56 7.49 18.96
CA ARG B 84 -10.21 8.92 18.95
C ARG B 84 -8.89 9.10 19.70
N LEU B 85 -8.02 9.94 19.17
CA LEU B 85 -6.78 10.40 19.84
C LEU B 85 -6.87 11.91 19.95
N ILE B 86 -6.77 12.43 21.17
CA ILE B 86 -6.67 13.89 21.41
C ILE B 86 -5.21 14.17 21.72
N THR B 87 -4.60 15.09 21.00
CA THR B 87 -3.17 15.42 21.19
C THR B 87 -3.07 16.91 21.47
N LEU B 88 -2.22 17.25 22.44
CA LEU B 88 -2.06 18.63 22.91
C LEU B 88 -0.71 19.18 22.44
N GLU B 89 -0.74 20.35 21.83
CA GLU B 89 0.48 20.97 21.25
C GLU B 89 0.52 22.45 21.62
N TYR B 90 1.61 22.88 22.27
CA TYR B 90 1.88 24.27 22.70
C TYR B 90 1.92 25.25 21.51
N ASP B 91 2.59 24.87 20.44
CA ASP B 91 2.95 25.84 19.37
C ASP B 91 1.99 25.65 18.18
N PRO B 92 1.19 26.66 17.79
CA PRO B 92 0.29 26.52 16.64
C PRO B 92 1.03 26.17 15.34
N LYS B 93 2.29 26.60 15.19
CA LYS B 93 3.10 26.32 13.97
C LYS B 93 3.40 24.81 13.93
N HIS B 94 3.73 24.21 15.08
CA HIS B 94 3.88 22.73 15.20
C HIS B 94 2.54 22.07 14.85
N ALA B 95 1.44 22.49 15.47
CA ALA B 95 0.07 21.95 15.28
C ALA B 95 -0.28 21.92 13.79
N ALA B 96 0.04 22.98 13.04
CA ALA B 96 -0.31 23.09 11.60
C ALA B 96 0.49 22.05 10.80
N VAL B 97 1.75 21.87 11.14
CA VAL B 97 2.65 20.85 10.51
C VAL B 97 2.09 19.48 10.83
N ALA B 98 1.79 19.21 12.11
CA ALA B 98 1.19 17.93 12.55
C ALA B 98 -0.13 17.67 11.81
N GLN B 99 -1.00 18.67 11.68
CA GLN B 99 -2.32 18.47 11.03
C GLN B 99 -2.11 17.98 9.59
N LYS B 100 -1.21 18.62 8.85
CA LYS B 100 -0.86 18.25 7.46
C LYS B 100 -0.35 16.80 7.41
N ASN B 101 0.48 16.41 8.37
CA ASN B 101 1.07 15.05 8.44
C ASN B 101 -0.04 14.03 8.78
N ILE B 102 -0.90 14.34 9.73
CA ILE B 102 -2.07 13.49 10.08
C ILE B 102 -3.01 13.39 8.86
N ASP B 103 -3.22 14.48 8.11
CA ASP B 103 -4.05 14.45 6.88
C ASP B 103 -3.38 13.54 5.84
N ARG B 104 -2.08 13.72 5.61
CA ARG B 104 -1.32 12.90 4.63
C ARG B 104 -1.47 11.43 5.02
N ALA B 105 -1.57 11.12 6.33
CA ALA B 105 -1.62 9.73 6.85
C ALA B 105 -3.06 9.20 6.82
N GLY B 106 -4.02 10.06 6.48
CA GLY B 106 -5.44 9.68 6.33
C GLY B 106 -6.13 9.56 7.67
N LEU B 107 -5.61 10.16 8.75
CA LEU B 107 -6.14 9.93 10.12
C LEU B 107 -6.93 11.15 10.60
N THR B 108 -7.30 12.06 9.70
CA THR B 108 -7.99 13.32 10.06
C THR B 108 -9.17 13.04 11.00
N SER B 109 -9.97 12.00 10.73
CA SER B 109 -11.26 11.84 11.44
C SER B 109 -11.04 11.26 12.85
N GLN B 110 -9.88 10.63 13.10
CA GLN B 110 -9.64 9.95 14.40
C GLN B 110 -8.78 10.83 15.33
N VAL B 111 -8.12 11.89 14.86
CA VAL B 111 -7.19 12.71 15.69
C VAL B 111 -7.71 14.14 15.84
N GLN B 112 -7.75 14.63 17.08
CA GLN B 112 -8.07 16.03 17.36
C GLN B 112 -6.81 16.67 17.95
N ILE B 113 -6.26 17.68 17.25
CA ILE B 113 -5.09 18.46 17.75
C ILE B 113 -5.69 19.66 18.48
N ARG B 114 -5.38 19.78 19.77
CA ARG B 114 -5.71 21.00 20.56
C ARG B 114 -4.43 21.78 20.84
N THR B 115 -4.48 23.07 20.54
CA THR B 115 -3.32 23.99 20.67
C THR B 115 -3.52 24.78 21.97
N GLY B 116 -2.48 24.87 22.77
CA GLY B 116 -2.47 25.59 24.07
C GLY B 116 -1.52 24.92 25.05
N LYS B 117 -1.40 25.46 26.25
CA LYS B 117 -0.53 24.84 27.29
C LYS B 117 -1.24 23.57 27.75
N ALA B 118 -0.57 22.42 27.71
CA ALA B 118 -1.20 21.19 28.26
C ALA B 118 -1.75 21.45 29.66
N ILE B 119 -1.05 22.24 30.49
CA ILE B 119 -1.49 22.44 31.92
C ILE B 119 -2.85 23.16 31.98
N ASP B 120 -3.19 23.90 30.93
CA ASP B 120 -4.49 24.60 30.82
C ASP B 120 -5.55 23.66 30.22
N ILE B 121 -5.20 22.89 29.20
CA ILE B 121 -6.16 22.01 28.46
C ILE B 121 -6.60 20.84 29.35
N LEU B 122 -5.72 20.31 30.17
CA LEU B 122 -6.05 19.12 31.02
C LEU B 122 -7.27 19.39 31.90
N PRO B 123 -7.34 20.51 32.68
CA PRO B 123 -8.54 20.79 33.45
C PRO B 123 -9.82 20.94 32.60
N GLN B 124 -9.69 21.47 31.38
CA GLN B 124 -10.84 21.53 30.43
C GLN B 124 -11.28 20.13 30.07
N LEU B 125 -10.33 19.25 29.76
CA LEU B 125 -10.67 17.87 29.41
C LEU B 125 -11.48 17.25 30.57
N VAL B 126 -11.12 17.56 31.81
CA VAL B 126 -11.82 17.01 33.00
C VAL B 126 -13.26 17.59 33.03
N GLU B 127 -13.40 18.90 32.89
CA GLU B 127 -14.71 19.61 32.90
C GLU B 127 -15.61 19.05 31.78
N GLU B 128 -15.09 18.85 30.56
CA GLU B 128 -15.83 18.23 29.42
C GLU B 128 -16.25 16.78 29.68
N GLY B 129 -15.68 16.09 30.69
CA GLY B 129 -15.74 14.63 30.80
C GLY B 129 -15.23 13.92 29.55
N ALA B 130 -14.07 14.32 29.03
CA ALA B 130 -13.42 13.78 27.81
C ALA B 130 -12.88 12.38 28.09
N GLY B 131 -12.54 12.10 29.33
CA GLY B 131 -12.00 10.77 29.64
C GLY B 131 -13.13 9.76 29.82
N PRO B 132 -12.80 8.59 30.38
CA PRO B 132 -11.41 8.26 30.63
C PRO B 132 -10.71 7.77 29.36
N PHE B 133 -9.38 7.92 29.36
CA PHE B 133 -8.52 7.44 28.27
C PHE B 133 -8.00 6.08 28.65
N ASP B 134 -7.80 5.25 27.65
CA ASP B 134 -7.25 3.88 27.78
C ASP B 134 -5.74 3.97 27.97
N MET B 135 -5.10 4.95 27.37
CA MET B 135 -3.62 5.10 27.33
C MET B 135 -3.39 6.60 27.23
N ILE B 136 -2.45 7.11 27.99
CA ILE B 136 -2.03 8.53 27.99
C ILE B 136 -0.51 8.54 27.75
N PHE B 137 -0.06 9.29 26.76
CA PHE B 137 1.36 9.43 26.40
C PHE B 137 1.80 10.86 26.68
N ILE B 138 2.78 11.01 27.56
CA ILE B 138 3.37 12.32 27.94
C ILE B 138 4.77 12.45 27.35
N ASP B 139 4.96 13.40 26.45
CA ASP B 139 6.32 13.70 25.89
C ASP B 139 6.36 15.20 25.59
N ALA B 140 6.29 16.01 26.63
CA ALA B 140 6.20 17.48 26.52
C ALA B 140 7.30 18.06 27.41
N ASP B 141 7.17 19.31 27.85
CA ASP B 141 8.22 19.95 28.67
C ASP B 141 8.24 19.25 30.04
N LYS B 142 9.43 19.11 30.64
CA LYS B 142 9.65 18.25 31.82
C LYS B 142 9.25 18.95 33.11
N PRO B 143 9.49 20.27 33.32
CA PRO B 143 9.20 20.84 34.65
C PRO B 143 7.78 20.49 35.12
N PRO B 144 6.75 20.52 34.25
CA PRO B 144 5.39 20.23 34.69
C PRO B 144 5.03 18.73 34.78
N TYR B 145 5.99 17.81 34.56
CA TYR B 145 5.66 16.38 34.48
C TYR B 145 4.83 15.96 35.71
N THR B 146 5.18 16.33 36.96
CA THR B 146 4.39 15.82 38.10
C THR B 146 2.92 16.28 38.03
N GLU B 147 2.67 17.54 37.67
CA GLU B 147 1.30 18.05 37.51
C GLU B 147 0.59 17.42 36.33
N TYR B 148 1.24 17.22 35.19
CA TYR B 148 0.64 16.52 34.04
C TYR B 148 0.14 15.15 34.49
N PHE B 149 0.91 14.52 35.37
CA PHE B 149 0.59 13.16 35.85
C PHE B 149 -0.65 13.20 36.75
N GLN B 150 -0.77 14.18 37.64
CA GLN B 150 -1.94 14.31 38.53
C GLN B 150 -3.20 14.52 37.68
N TRP B 151 -3.13 15.33 36.63
CA TRP B 151 -4.31 15.50 35.73
C TRP B 151 -4.59 14.22 34.95
N ALA B 152 -3.56 13.58 34.41
CA ALA B 152 -3.67 12.27 33.74
C ALA B 152 -4.49 11.29 34.61
N LEU B 153 -4.22 11.21 35.92
CA LEU B 153 -4.97 10.30 36.82
C LEU B 153 -6.45 10.67 36.86
N ARG B 154 -6.79 11.96 36.82
CA ARG B 154 -8.21 12.43 36.82
C ARG B 154 -8.90 12.00 35.52
N LEU B 155 -8.15 11.77 34.45
CA LEU B 155 -8.68 11.43 33.09
C LEU B 155 -8.49 9.93 32.81
N SER B 156 -8.16 9.14 33.82
CA SER B 156 -7.90 7.69 33.72
C SER B 156 -9.04 6.86 34.32
N ARG B 157 -8.95 5.54 34.13
CA ARG B 157 -9.85 4.58 34.78
C ARG B 157 -8.94 3.47 35.27
N PRO B 158 -9.43 2.55 36.12
CA PRO B 158 -8.59 1.42 36.51
C PRO B 158 -8.07 0.70 35.29
N GLY B 159 -6.75 0.50 35.21
CA GLY B 159 -6.14 -0.20 34.08
C GLY B 159 -5.59 0.74 33.01
N THR B 160 -5.81 2.05 33.11
CA THR B 160 -5.21 3.02 32.17
C THR B 160 -3.70 2.86 32.23
N LEU B 161 -3.08 2.88 31.06
CA LEU B 161 -1.62 2.96 30.94
C LEU B 161 -1.24 4.43 30.75
N ILE B 162 -0.37 4.92 31.61
CA ILE B 162 0.28 6.24 31.47
C ILE B 162 1.75 6.00 31.16
N VAL B 163 2.16 6.55 30.01
CA VAL B 163 3.55 6.52 29.51
C VAL B 163 4.14 7.93 29.55
N ALA B 164 5.33 8.11 30.11
CA ALA B 164 5.97 9.42 30.20
C ALA B 164 7.39 9.27 29.68
N ASP B 165 7.68 9.95 28.59
CA ASP B 165 8.98 9.77 27.89
C ASP B 165 10.08 10.76 28.32
N ASN B 166 11.33 10.28 28.22
CA ASN B 166 12.58 11.06 28.39
C ASN B 166 12.73 11.53 29.83
N VAL B 167 12.79 10.58 30.77
CA VAL B 167 12.79 10.93 32.23
C VAL B 167 14.13 10.56 32.87
N ILE B 168 15.18 10.18 32.11
CA ILE B 168 16.49 9.83 32.76
C ILE B 168 17.59 10.84 32.39
N ARG B 169 17.51 11.52 31.24
CA ARG B 169 18.38 12.69 30.90
C ARG B 169 19.86 12.30 31.01
N ASP B 170 20.27 11.19 30.40
CA ASP B 170 21.68 10.73 30.40
C ASP B 170 22.19 10.45 31.79
N GLY B 171 21.30 10.18 32.76
CA GLY B 171 21.74 9.80 34.13
C GLY B 171 21.89 11.01 34.99
N LYS B 172 21.64 12.20 34.44
CA LYS B 172 21.78 13.44 35.23
C LYS B 172 20.76 13.44 36.36
N VAL B 173 19.63 12.72 36.21
CA VAL B 173 18.58 12.71 37.27
C VAL B 173 19.16 12.01 38.51
N LEU B 174 20.36 11.38 38.43
CA LEU B 174 20.98 10.75 39.65
C LEU B 174 21.60 11.85 40.52
N ASP B 175 21.78 13.05 39.94
CA ASP B 175 22.41 14.21 40.61
C ASP B 175 21.37 15.00 41.41
N GLU B 176 21.33 14.76 42.72
CA GLU B 176 20.37 15.39 43.66
C GLU B 176 20.55 16.93 43.63
N ASN B 177 21.75 17.43 43.35
CA ASN B 177 22.11 18.88 43.34
C ASN B 177 21.92 19.54 41.97
N SER B 178 21.38 18.83 40.97
CA SER B 178 21.22 19.40 39.62
C SER B 178 20.33 20.65 39.71
N THR B 179 20.71 21.71 38.99
CA THR B 179 19.91 22.95 38.88
C THR B 179 19.34 23.10 37.48
N GLU B 180 19.53 22.12 36.59
CA GLU B 180 18.92 22.21 35.24
C GLU B 180 17.43 21.93 35.42
N PRO B 181 16.53 22.85 35.05
CA PRO B 181 15.09 22.64 35.26
C PRO B 181 14.61 21.28 34.72
N ALA B 182 15.06 20.87 33.54
CA ALA B 182 14.59 19.65 32.85
C ALA B 182 15.01 18.44 33.71
N VAL B 183 16.21 18.47 34.28
CA VAL B 183 16.68 17.37 35.14
C VAL B 183 15.89 17.38 36.45
N GLN B 184 15.68 18.56 37.07
CA GLN B 184 14.86 18.57 38.32
C GLN B 184 13.43 18.08 38.02
N GLY B 185 12.87 18.46 36.88
CA GLY B 185 11.50 18.10 36.50
C GLY B 185 11.41 16.60 36.37
N ALA B 186 12.43 16.00 35.76
CA ALA B 186 12.44 14.54 35.55
C ALA B 186 12.69 13.83 36.89
N ARG B 187 13.68 14.27 37.67
CA ARG B 187 13.96 13.75 39.04
C ARG B 187 12.70 13.78 39.89
N ARG B 188 12.01 14.90 39.91
CA ARG B 188 10.79 15.04 40.75
C ARG B 188 9.70 14.11 40.24
N PHE B 189 9.61 13.92 38.93
CA PHE B 189 8.58 13.03 38.35
C PHE B 189 8.86 11.60 38.78
N ASN B 190 10.13 11.19 38.74
CA ASN B 190 10.51 9.79 39.07
C ASN B 190 10.24 9.54 40.57
N ALA B 191 10.53 10.53 41.41
CA ALA B 191 10.33 10.51 42.88
C ALA B 191 8.83 10.39 43.17
N MET B 192 8.04 11.19 42.50
CA MET B 192 6.58 11.16 42.51
C MET B 192 6.12 9.73 42.18
N LEU B 193 6.59 9.09 41.10
CA LEU B 193 6.16 7.72 40.79
C LEU B 193 6.51 6.76 41.92
N GLY B 194 7.71 6.84 42.46
CA GLY B 194 8.12 5.90 43.52
C GLY B 194 7.26 6.07 44.77
N ALA B 195 6.60 7.20 44.94
CA ALA B 195 5.78 7.46 46.15
C ALA B 195 4.30 7.26 45.83
N ASN B 196 3.94 7.05 44.57
CA ASN B 196 2.52 7.23 44.17
C ASN B 196 1.74 5.93 44.44
N THR B 197 0.67 6.02 45.23
CA THR B 197 -0.15 4.86 45.70
C THR B 197 -1.25 4.53 44.68
N ALA B 198 -1.49 5.37 43.69
CA ALA B 198 -2.57 5.20 42.68
C ALA B 198 -2.08 4.39 41.49
N VAL B 199 -0.76 4.14 41.34
CA VAL B 199 -0.20 3.42 40.16
C VAL B 199 0.83 2.37 40.56
N ASP B 200 1.01 1.40 39.67
CA ASP B 200 2.17 0.51 39.68
C ASP B 200 3.00 0.93 38.46
N ALA B 201 4.29 1.11 38.68
CA ALA B 201 5.13 1.73 37.64
C ALA B 201 6.53 1.14 37.55
N THR B 202 7.14 1.33 36.37
CA THR B 202 8.59 1.12 36.16
C THR B 202 9.14 2.19 35.24
N ILE B 203 10.43 2.15 35.04
CA ILE B 203 11.14 3.01 34.06
C ILE B 203 12.03 2.08 33.23
N LEU B 204 11.84 2.09 31.91
CA LEU B 204 12.69 1.36 30.92
C LEU B 204 13.86 2.23 30.44
N GLN B 205 15.09 1.68 30.48
CA GLN B 205 16.25 2.31 29.80
C GLN B 205 16.26 1.84 28.35
N MET B 206 15.77 2.67 27.43
CA MET B 206 15.60 2.27 26.03
C MET B 206 16.74 2.84 25.17
N VAL B 207 17.30 2.00 24.30
CA VAL B 207 18.39 2.43 23.40
C VAL B 207 18.00 2.05 21.97
N GLY B 208 18.69 2.62 21.00
CA GLY B 208 18.38 2.38 19.58
C GLY B 208 18.86 3.54 18.75
N VAL B 209 18.17 3.86 17.64
CA VAL B 209 18.56 5.01 16.78
C VAL B 209 18.30 6.32 17.54
N LYS B 210 17.28 6.37 18.38
CA LYS B 210 17.01 7.55 19.23
C LYS B 210 18.02 7.51 20.38
N GLU B 211 18.44 8.66 20.86
CA GLU B 211 19.47 8.75 21.91
C GLU B 211 18.92 8.06 23.16
N TYR B 212 19.83 7.52 23.97
CA TYR B 212 19.49 6.84 25.24
C TYR B 212 18.39 7.59 25.98
N ASP B 213 17.34 6.85 26.35
CA ASP B 213 16.06 7.42 26.81
C ASP B 213 15.59 6.61 28.02
N GLY B 214 15.02 7.27 29.01
CA GLY B 214 14.21 6.59 30.04
C GLY B 214 12.75 6.78 29.75
N MET B 215 11.96 5.71 29.70
CA MET B 215 10.49 5.83 29.48
C MET B 215 9.75 5.22 30.66
N ALA B 216 8.93 6.01 31.39
CA ALA B 216 8.13 5.52 32.53
C ALA B 216 6.84 4.90 32.02
N LEU B 217 6.52 3.71 32.55
CA LEU B 217 5.22 3.03 32.33
C LEU B 217 4.51 2.94 33.67
N ALA B 218 3.26 3.37 33.73
CA ALA B 218 2.45 3.34 34.97
C ALA B 218 1.04 2.80 34.68
N ILE B 219 0.60 1.84 35.48
CA ILE B 219 -0.78 1.31 35.35
C ILE B 219 -1.60 1.83 36.51
N VAL B 220 -2.72 2.48 36.19
CA VAL B 220 -3.68 3.03 37.16
C VAL B 220 -4.38 1.88 37.90
N LYS B 221 -4.33 1.93 39.23
CA LYS B 221 -4.88 0.83 40.06
C LYS B 221 -6.40 1.04 40.20
N LEU B 222 -7.11 -0.05 40.44
CA LEU B 222 -8.47 -0.05 40.98
C LEU B 222 -8.35 0.42 42.42
N GLU B 223 -9.15 1.38 42.85
CA GLU B 223 -9.13 1.90 44.25
C GLU B 223 -10.55 1.86 44.83
N GLN C 4 -31.36 5.59 -31.94
CA GLN C 4 -30.59 4.57 -31.22
C GLN C 4 -29.39 5.22 -30.51
N ILE C 5 -29.07 4.73 -29.32
CA ILE C 5 -28.11 5.44 -28.42
C ILE C 5 -26.70 5.40 -29.01
N PHE C 6 -26.13 4.24 -29.30
CA PHE C 6 -24.68 4.15 -29.64
C PHE C 6 -24.43 4.87 -30.96
N GLU C 7 -25.37 4.80 -31.89
CA GLU C 7 -25.23 5.48 -33.18
C GLU C 7 -25.27 7.01 -33.00
N SER C 8 -26.21 7.51 -32.22
CA SER C 8 -26.37 8.96 -31.93
C SER C 8 -25.12 9.48 -31.24
N VAL C 9 -24.62 8.74 -30.28
CA VAL C 9 -23.40 9.15 -29.56
C VAL C 9 -22.23 9.09 -30.54
N ASP C 10 -22.19 8.11 -31.44
CA ASP C 10 -21.06 8.05 -32.40
C ASP C 10 -21.05 9.30 -33.30
N HIS C 11 -22.21 9.75 -33.76
CA HIS C 11 -22.33 10.99 -34.57
C HIS C 11 -21.91 12.22 -33.75
N TYR C 12 -22.28 12.28 -32.48
CA TYR C 12 -21.98 13.41 -31.58
C TYR C 12 -20.45 13.51 -31.46
N ILE C 13 -19.83 12.35 -31.31
CA ILE C 13 -18.35 12.27 -31.19
C ILE C 13 -17.67 12.66 -32.52
N SER C 14 -18.16 12.20 -33.66
CA SER C 14 -17.47 12.46 -34.95
C SER C 14 -17.67 13.94 -35.31
N ASP C 15 -18.81 14.52 -34.94
CA ASP C 15 -19.08 15.97 -35.11
C ASP C 15 -18.04 16.76 -34.32
N LEU C 16 -17.66 16.32 -33.12
CA LEU C 16 -16.68 17.04 -32.30
C LEU C 16 -15.25 16.74 -32.79
N LEU C 17 -14.97 15.48 -33.10
CA LEU C 17 -13.59 14.91 -33.00
C LEU C 17 -13.29 13.93 -34.11
N GLY C 18 -14.10 13.90 -35.18
CA GLY C 18 -13.88 12.95 -36.28
C GLY C 18 -14.15 13.60 -37.60
N TYR C 19 -13.61 14.81 -37.80
CA TYR C 19 -13.78 15.54 -39.08
C TYR C 19 -13.23 14.69 -40.24
N GLU C 20 -14.03 14.62 -41.30
CA GLU C 20 -13.63 13.94 -42.56
C GLU C 20 -13.54 14.98 -43.68
N ASP C 21 -12.34 15.16 -44.25
CA ASP C 21 -12.10 16.08 -45.40
C ASP C 21 -12.55 15.40 -46.69
N ASP C 22 -12.36 16.11 -47.80
CA ASP C 22 -12.83 15.60 -49.11
C ASP C 22 -12.24 14.20 -49.40
N ALA C 23 -10.96 14.02 -49.14
CA ALA C 23 -10.24 12.78 -49.52
C ALA C 23 -10.94 11.62 -48.83
N LEU C 24 -11.33 11.80 -47.56
CA LEU C 24 -11.93 10.68 -46.81
C LEU C 24 -13.35 10.45 -47.33
N LEU C 25 -14.10 11.51 -47.62
CA LEU C 25 -15.49 11.34 -48.10
C LEU C 25 -15.49 10.65 -49.48
N ALA C 26 -14.54 11.03 -50.31
CA ALA C 26 -14.33 10.46 -51.67
C ALA C 26 -13.96 8.98 -51.55
N ALA C 27 -13.13 8.57 -50.58
CA ALA C 27 -12.76 7.16 -50.38
C ALA C 27 -14.01 6.38 -49.97
N THR C 28 -14.87 6.92 -49.12
CA THR C 28 -16.15 6.30 -48.71
C THR C 28 -17.00 6.01 -49.96
N ASN C 29 -17.13 7.00 -50.83
CA ASN C 29 -18.09 6.98 -51.98
C ASN C 29 -17.52 6.20 -53.17
N SER C 30 -16.20 5.97 -53.22
CA SER C 30 -15.46 5.36 -54.36
C SER C 30 -15.92 3.92 -54.60
N LEU C 31 -16.30 3.18 -53.57
CA LEU C 31 -16.63 1.75 -53.78
C LEU C 31 -17.91 1.69 -54.62
N ALA C 32 -18.97 2.38 -54.18
CA ALA C 32 -20.26 2.46 -54.92
C ALA C 32 -20.03 3.01 -56.33
N GLU C 33 -19.17 4.03 -56.47
CA GLU C 33 -18.93 4.78 -57.75
C GLU C 33 -18.21 3.90 -58.78
N ALA C 34 -17.29 3.02 -58.35
CA ALA C 34 -16.57 2.08 -59.24
C ALA C 34 -17.36 0.77 -59.42
N GLY C 35 -18.61 0.73 -58.95
CA GLY C 35 -19.54 -0.40 -59.15
C GLY C 35 -19.32 -1.55 -58.18
N MET C 36 -18.55 -1.33 -57.12
CA MET C 36 -18.13 -2.41 -56.18
C MET C 36 -18.98 -2.33 -54.92
N PRO C 37 -19.00 -3.39 -54.07
CA PRO C 37 -19.79 -3.42 -52.84
C PRO C 37 -19.39 -2.35 -51.79
N ALA C 38 -20.39 -1.85 -51.09
CA ALA C 38 -20.27 -0.91 -49.96
C ALA C 38 -19.48 -1.57 -48.83
N ILE C 39 -18.78 -0.76 -48.07
CA ILE C 39 -18.11 -1.15 -46.81
C ILE C 39 -18.45 -0.02 -45.83
N SER C 40 -19.02 -0.34 -44.68
CA SER C 40 -19.28 0.69 -43.64
C SER C 40 -17.91 1.27 -43.26
N VAL C 41 -17.77 2.58 -43.12
CA VAL C 41 -16.51 3.11 -42.51
C VAL C 41 -16.84 3.96 -41.29
N SER C 42 -15.82 4.17 -40.49
CA SER C 42 -15.93 4.80 -39.16
C SER C 42 -14.86 5.88 -39.03
N PRO C 43 -15.21 7.18 -39.18
CA PRO C 43 -14.23 8.24 -38.93
C PRO C 43 -13.71 8.18 -37.50
N ASN C 44 -14.54 7.77 -36.54
CA ASN C 44 -14.03 7.74 -35.15
C ASN C 44 -13.01 6.60 -35.02
N GLN C 45 -13.22 5.47 -35.69
CA GLN C 45 -12.16 4.43 -35.68
C GLN C 45 -10.89 4.97 -36.39
N GLY C 46 -11.03 5.66 -37.51
CA GLY C 46 -9.88 6.26 -38.19
C GLY C 46 -9.12 7.23 -37.31
N LYS C 47 -9.79 8.12 -36.62
CA LYS C 47 -9.17 9.05 -35.67
C LYS C 47 -8.42 8.24 -34.58
N PHE C 48 -9.03 7.19 -34.04
CA PHE C 48 -8.36 6.34 -33.01
C PHE C 48 -7.07 5.75 -33.59
N LEU C 49 -7.13 5.15 -34.77
CA LEU C 49 -5.92 4.58 -35.42
C LEU C 49 -4.86 5.67 -35.62
N GLN C 50 -5.26 6.85 -36.07
CA GLN C 50 -4.32 7.95 -36.29
C GLN C 50 -3.67 8.25 -34.94
N LEU C 51 -4.45 8.36 -33.87
CA LEU C 51 -3.91 8.76 -32.56
C LEU C 51 -2.94 7.68 -32.03
N LEU C 52 -3.24 6.42 -32.26
CA LEU C 52 -2.31 5.31 -31.90
C LEU C 52 -1.02 5.47 -32.71
N ALA C 53 -1.11 5.73 -34.00
CA ALA C 53 0.11 5.96 -34.80
C ALA C 53 0.92 7.14 -34.23
N GLN C 54 0.24 8.21 -33.83
CA GLN C 54 0.88 9.45 -33.30
C GLN C 54 1.55 9.12 -31.97
N LEU C 55 0.88 8.35 -31.12
CA LEU C 55 1.44 7.96 -29.79
C LEU C 55 2.68 7.07 -29.99
N CYS C 56 2.69 6.18 -30.98
CA CYS C 56 3.84 5.32 -31.38
C CYS C 56 4.97 6.17 -32.02
N GLN C 57 4.73 7.44 -32.42
CA GLN C 57 5.70 8.23 -33.22
C GLN C 57 6.06 7.37 -34.44
N ALA C 58 5.05 6.73 -35.05
CA ALA C 58 5.23 5.80 -36.18
C ALA C 58 5.89 6.50 -37.38
N LYS C 59 6.88 5.83 -37.97
CA LYS C 59 7.48 6.22 -39.27
C LYS C 59 7.29 5.09 -40.28
N ASN C 60 6.98 3.85 -39.83
CA ASN C 60 6.83 2.68 -40.71
C ASN C 60 5.54 1.97 -40.23
N ILE C 61 4.54 1.92 -41.07
CA ILE C 61 3.25 1.26 -40.72
C ILE C 61 2.98 0.16 -41.75
N LEU C 62 2.47 -0.99 -41.30
CA LEU C 62 2.00 -2.05 -42.17
C LEU C 62 0.50 -2.23 -41.97
N GLU C 63 -0.24 -2.34 -43.05
CA GLU C 63 -1.71 -2.54 -43.01
C GLU C 63 -2.04 -3.78 -43.83
N LEU C 64 -2.82 -4.70 -43.25
CA LEU C 64 -3.38 -5.85 -44.01
C LEU C 64 -4.86 -5.55 -44.28
N GLY C 65 -5.21 -5.38 -45.56
CA GLY C 65 -6.61 -5.15 -45.96
C GLY C 65 -6.85 -3.73 -46.35
N THR C 66 -6.32 -3.32 -47.47
CA THR C 66 -6.41 -1.91 -47.92
C THR C 66 -7.88 -1.50 -48.13
N LEU C 67 -8.66 -2.36 -48.78
CA LEU C 67 -10.03 -2.05 -49.28
C LEU C 67 -9.93 -0.80 -50.15
N ALA C 68 -10.58 0.34 -49.84
CA ALA C 68 -10.46 1.53 -50.70
C ALA C 68 -9.54 2.56 -50.06
N GLY C 69 -8.77 2.18 -49.03
CA GLY C 69 -7.75 3.08 -48.51
C GLY C 69 -8.26 4.03 -47.43
N TYR C 70 -9.47 3.86 -46.92
CA TYR C 70 -10.05 4.76 -45.88
C TYR C 70 -9.15 4.79 -44.62
N SER C 71 -8.89 3.63 -43.98
CA SER C 71 -8.01 3.58 -42.79
C SER C 71 -6.60 3.97 -43.20
N THR C 72 -6.20 3.62 -44.41
CA THR C 72 -4.84 3.93 -44.91
C THR C 72 -4.57 5.44 -44.83
N ILE C 73 -5.53 6.21 -45.28
CA ILE C 73 -5.48 7.70 -45.28
C ILE C 73 -5.33 8.21 -43.83
N TRP C 74 -6.20 7.77 -42.95
CA TRP C 74 -6.14 8.13 -41.51
C TRP C 74 -4.73 7.85 -40.95
N MET C 75 -4.22 6.64 -41.12
CA MET C 75 -2.94 6.28 -40.46
C MET C 75 -1.75 7.01 -41.14
N ALA C 76 -1.71 7.06 -42.49
CA ALA C 76 -0.58 7.65 -43.22
C ALA C 76 -0.45 9.14 -42.91
N ARG C 77 -1.54 9.81 -42.53
CA ARG C 77 -1.51 11.24 -42.14
C ARG C 77 -0.74 11.44 -40.82
N ALA C 78 -0.48 10.38 -40.03
CA ALA C 78 0.35 10.48 -38.81
C ALA C 78 1.85 10.46 -39.12
N LEU C 79 2.25 10.07 -40.33
CA LEU C 79 3.66 9.84 -40.63
C LEU C 79 4.46 11.15 -40.77
N PRO C 80 5.77 11.05 -40.54
CA PRO C 80 6.70 12.12 -40.93
C PRO C 80 6.83 12.07 -42.47
N LYS C 81 7.43 13.10 -43.04
CA LYS C 81 7.60 13.22 -44.51
C LYS C 81 8.27 11.97 -45.10
N ASN C 82 9.32 11.43 -44.48
CA ASN C 82 10.09 10.27 -45.03
C ASN C 82 9.54 8.95 -44.49
N GLY C 83 8.41 9.00 -43.81
CA GLY C 83 7.77 7.78 -43.26
C GLY C 83 7.07 7.00 -44.36
N ARG C 84 6.73 5.74 -44.09
CA ARG C 84 6.11 4.89 -45.15
C ARG C 84 5.05 3.99 -44.55
N LEU C 85 3.99 3.74 -45.31
CA LEU C 85 2.96 2.75 -44.95
C LEU C 85 2.83 1.79 -46.11
N ILE C 86 3.10 0.52 -45.85
CA ILE C 86 2.89 -0.60 -46.80
C ILE C 86 1.53 -1.23 -46.46
N THR C 87 0.66 -1.30 -47.46
CA THR C 87 -0.72 -1.81 -47.31
C THR C 87 -0.94 -2.91 -48.35
N LEU C 88 -1.52 -4.01 -47.86
CA LEU C 88 -1.69 -5.25 -48.67
C LEU C 88 -3.16 -5.43 -49.04
N GLU C 89 -3.42 -5.67 -50.32
CA GLU C 89 -4.81 -5.77 -50.86
C GLU C 89 -4.91 -6.99 -51.78
N TYR C 90 -5.95 -7.80 -51.61
CA TYR C 90 -6.15 -9.07 -52.36
C TYR C 90 -6.54 -8.79 -53.82
N ASP C 91 -7.33 -7.76 -54.05
CA ASP C 91 -8.10 -7.61 -55.31
C ASP C 91 -7.55 -6.41 -56.06
N PRO C 92 -7.02 -6.60 -57.28
CA PRO C 92 -6.47 -5.49 -58.06
C PRO C 92 -7.44 -4.34 -58.33
N LYS C 93 -8.74 -4.63 -58.47
CA LYS C 93 -9.69 -3.52 -58.74
C LYS C 93 -9.75 -2.65 -57.47
N HIS C 94 -9.74 -3.24 -56.30
CA HIS C 94 -9.77 -2.52 -55.00
C HIS C 94 -8.46 -1.76 -54.84
N ALA C 95 -7.35 -2.38 -55.19
CA ALA C 95 -6.03 -1.70 -55.08
C ALA C 95 -6.02 -0.47 -56.01
N ALA C 96 -6.58 -0.56 -57.24
CA ALA C 96 -6.65 0.58 -58.19
C ALA C 96 -7.49 1.71 -57.56
N VAL C 97 -8.63 1.39 -56.97
CA VAL C 97 -9.54 2.38 -56.29
C VAL C 97 -8.75 3.01 -55.12
N ALA C 98 -8.10 2.17 -54.30
CA ALA C 98 -7.37 2.69 -53.12
C ALA C 98 -6.25 3.61 -53.59
N GLN C 99 -5.59 3.30 -54.70
CA GLN C 99 -4.45 4.12 -55.18
C GLN C 99 -4.92 5.51 -55.58
N LYS C 100 -6.08 5.58 -56.23
CA LYS C 100 -6.74 6.86 -56.61
C LYS C 100 -7.06 7.64 -55.34
N ASN C 101 -7.58 6.96 -54.34
CA ASN C 101 -7.98 7.58 -53.04
C ASN C 101 -6.74 8.09 -52.31
N ILE C 102 -5.66 7.33 -52.27
CA ILE C 102 -4.35 7.71 -51.64
C ILE C 102 -3.77 8.91 -52.39
N ASP C 103 -3.77 8.86 -53.72
CA ASP C 103 -3.29 9.98 -54.56
C ASP C 103 -4.08 11.25 -54.25
N ARG C 104 -5.41 11.16 -54.14
CA ARG C 104 -6.33 12.32 -53.88
C ARG C 104 -5.95 12.93 -52.52
N ALA C 105 -5.46 12.13 -51.58
CA ALA C 105 -5.07 12.61 -50.25
C ALA C 105 -3.66 13.18 -50.28
N GLY C 106 -2.93 13.09 -51.41
CA GLY C 106 -1.55 13.58 -51.54
C GLY C 106 -0.53 12.67 -50.84
N LEU C 107 -0.87 11.40 -50.67
CA LEU C 107 -0.07 10.42 -49.88
C LEU C 107 0.68 9.46 -50.80
N THR C 108 0.74 9.74 -52.12
CA THR C 108 1.38 8.84 -53.12
C THR C 108 2.81 8.48 -52.67
N SER C 109 3.62 9.44 -52.18
CA SER C 109 5.05 9.24 -51.89
C SER C 109 5.24 8.44 -50.60
N GLN C 110 4.21 8.35 -49.73
CA GLN C 110 4.38 7.70 -48.42
C GLN C 110 3.72 6.31 -48.38
N VAL C 111 2.90 5.96 -49.35
CA VAL C 111 2.11 4.71 -49.24
C VAL C 111 2.56 3.79 -50.36
N GLN C 112 2.76 2.52 -50.04
CA GLN C 112 2.95 1.51 -51.11
C GLN C 112 1.83 0.47 -50.97
N ILE C 113 1.03 0.31 -52.04
CA ILE C 113 -0.01 -0.74 -52.13
C ILE C 113 0.60 -1.95 -52.81
N ARG C 114 0.54 -3.09 -52.17
CA ARG C 114 1.00 -4.39 -52.74
C ARG C 114 -0.21 -5.27 -52.89
N THR C 115 -0.41 -5.78 -54.09
CA THR C 115 -1.58 -6.59 -54.44
C THR C 115 -1.16 -8.06 -54.47
N GLY C 116 -1.96 -8.88 -53.83
CA GLY C 116 -1.67 -10.32 -53.66
C GLY C 116 -2.28 -10.90 -52.42
N LYS C 117 -2.01 -12.16 -52.16
CA LYS C 117 -2.39 -12.76 -50.87
C LYS C 117 -1.45 -12.28 -49.78
N ALA C 118 -2.00 -11.81 -48.66
CA ALA C 118 -1.19 -11.30 -47.54
C ALA C 118 -0.25 -12.39 -47.08
N ILE C 119 -0.70 -13.63 -47.03
CA ILE C 119 0.13 -14.75 -46.52
C ILE C 119 1.30 -14.99 -47.49
N ASP C 120 1.23 -14.55 -48.76
CA ASP C 120 2.40 -14.64 -49.68
C ASP C 120 3.29 -13.40 -49.52
N ILE C 121 2.69 -12.22 -49.41
CA ILE C 121 3.46 -10.94 -49.37
C ILE C 121 4.23 -10.80 -48.04
N LEU C 122 3.68 -11.30 -46.93
CA LEU C 122 4.35 -11.20 -45.60
C LEU C 122 5.75 -11.83 -45.60
N PRO C 123 5.98 -13.09 -46.04
CA PRO C 123 7.35 -13.62 -46.11
C PRO C 123 8.25 -12.79 -47.04
N GLN C 124 7.69 -12.21 -48.10
CA GLN C 124 8.46 -11.35 -49.01
C GLN C 124 8.91 -10.08 -48.29
N LEU C 125 8.07 -9.50 -47.44
CA LEU C 125 8.46 -8.28 -46.69
C LEU C 125 9.61 -8.66 -45.76
N VAL C 126 9.56 -9.85 -45.16
CA VAL C 126 10.68 -10.31 -44.29
C VAL C 126 11.99 -10.46 -45.11
N GLU C 127 11.91 -11.15 -46.24
CA GLU C 127 13.06 -11.37 -47.16
C GLU C 127 13.62 -10.02 -47.60
N GLU C 128 12.76 -9.07 -47.96
CA GLU C 128 13.15 -7.74 -48.46
C GLU C 128 13.71 -6.85 -47.35
N GLY C 129 13.54 -7.23 -46.08
CA GLY C 129 13.88 -6.35 -44.93
C GLY C 129 13.06 -5.07 -44.91
N ALA C 130 11.75 -5.16 -45.21
CA ALA C 130 10.80 -4.03 -45.29
C ALA C 130 10.43 -3.57 -43.88
N GLY C 131 10.71 -4.39 -42.87
CA GLY C 131 10.43 -4.01 -41.49
C GLY C 131 11.56 -3.22 -40.89
N PRO C 132 11.51 -2.90 -39.58
CA PRO C 132 10.40 -3.23 -38.68
C PRO C 132 9.35 -2.13 -38.82
N PHE C 133 8.13 -2.44 -38.42
CA PHE C 133 7.02 -1.47 -38.39
C PHE C 133 6.80 -1.02 -36.95
N ASP C 134 6.56 0.26 -36.79
CA ASP C 134 6.20 0.83 -35.47
C ASP C 134 4.76 0.38 -35.11
N MET C 135 3.92 0.30 -36.11
CA MET C 135 2.47 -0.01 -35.91
C MET C 135 2.05 -0.90 -37.07
N ILE C 136 1.23 -1.91 -36.76
CA ILE C 136 0.71 -2.90 -37.74
C ILE C 136 -0.78 -2.97 -37.50
N PHE C 137 -1.57 -2.76 -38.54
CA PHE C 137 -3.05 -2.81 -38.48
C PHE C 137 -3.55 -3.95 -39.35
N ILE C 138 -4.19 -4.95 -38.73
CA ILE C 138 -4.75 -6.12 -39.44
C ILE C 138 -6.27 -6.00 -39.48
N ASP C 139 -6.84 -5.86 -40.68
CA ASP C 139 -8.30 -5.97 -40.91
C ASP C 139 -8.52 -6.71 -42.22
N ALA C 140 -8.03 -7.93 -42.36
CA ALA C 140 -8.19 -8.71 -43.60
C ALA C 140 -9.09 -9.90 -43.25
N ASP C 141 -8.99 -11.00 -44.01
CA ASP C 141 -9.83 -12.21 -43.75
C ASP C 141 -9.35 -12.81 -42.41
N LYS C 142 -10.29 -13.37 -41.64
CA LYS C 142 -10.07 -13.77 -40.23
C LYS C 142 -9.47 -15.16 -40.15
N PRO C 143 -9.84 -16.15 -41.00
CA PRO C 143 -9.27 -17.48 -40.78
C PRO C 143 -7.75 -17.43 -40.59
N PRO C 144 -6.98 -16.66 -41.39
CA PRO C 144 -5.54 -16.62 -41.23
C PRO C 144 -5.01 -15.69 -40.13
N TYR C 145 -5.86 -15.16 -39.24
CA TYR C 145 -5.41 -14.07 -38.36
C TYR C 145 -4.20 -14.58 -37.61
N THR C 146 -4.18 -15.83 -37.12
CA THR C 146 -3.06 -16.28 -36.28
C THR C 146 -1.76 -16.25 -37.12
N GLU C 147 -1.78 -16.68 -38.38
CA GLU C 147 -0.51 -16.72 -39.14
C GLU C 147 -0.14 -15.29 -39.50
N TYR C 148 -1.11 -14.44 -39.80
CA TYR C 148 -0.79 -13.02 -40.10
C TYR C 148 -0.05 -12.43 -38.89
N PHE C 149 -0.51 -12.76 -37.69
CA PHE C 149 0.13 -12.28 -36.44
C PHE C 149 1.56 -12.78 -36.34
N GLN C 150 1.80 -14.06 -36.64
CA GLN C 150 3.16 -14.63 -36.51
C GLN C 150 4.09 -13.87 -37.46
N TRP C 151 3.65 -13.60 -38.71
CA TRP C 151 4.47 -12.81 -39.65
C TRP C 151 4.66 -11.38 -39.14
N ALA C 152 3.59 -10.78 -38.61
CA ALA C 152 3.67 -9.40 -38.07
C ALA C 152 4.75 -9.35 -36.99
N LEU C 153 4.86 -10.36 -36.14
CA LEU C 153 5.94 -10.36 -35.12
C LEU C 153 7.34 -10.35 -35.76
N ARG C 154 7.55 -11.10 -36.85
CA ARG C 154 8.83 -11.16 -37.58
C ARG C 154 9.14 -9.79 -38.19
N LEU C 155 8.13 -8.95 -38.35
CA LEU C 155 8.25 -7.59 -38.93
C LEU C 155 8.11 -6.54 -37.83
N SER C 156 8.29 -6.90 -36.57
CA SER C 156 8.12 -5.99 -35.41
C SER C 156 9.48 -5.80 -34.75
N ARG C 157 9.54 -4.85 -33.86
CA ARG C 157 10.66 -4.69 -32.91
C ARG C 157 10.06 -4.48 -31.54
N PRO C 158 10.85 -4.55 -30.46
CA PRO C 158 10.32 -4.26 -29.13
C PRO C 158 9.55 -2.95 -29.07
N GLY C 159 8.27 -2.98 -28.63
CA GLY C 159 7.47 -1.75 -28.51
C GLY C 159 6.51 -1.59 -29.67
N THR C 160 6.65 -2.39 -30.75
CA THR C 160 5.70 -2.35 -31.88
C THR C 160 4.29 -2.57 -31.33
N LEU C 161 3.34 -1.76 -31.82
CA LEU C 161 1.90 -1.94 -31.58
C LEU C 161 1.31 -2.72 -32.75
N ILE C 162 0.62 -3.80 -32.44
CA ILE C 162 -0.16 -4.57 -33.42
C ILE C 162 -1.63 -4.46 -33.02
N VAL C 163 -2.42 -3.92 -33.96
CA VAL C 163 -3.89 -3.74 -33.84
C VAL C 163 -4.53 -4.70 -34.82
N ALA C 164 -5.42 -5.57 -34.34
CA ALA C 164 -6.23 -6.51 -35.16
C ALA C 164 -7.71 -6.20 -34.98
N ASP C 165 -8.39 -5.83 -36.07
CA ASP C 165 -9.80 -5.37 -35.95
C ASP C 165 -10.77 -6.54 -36.09
N ASN C 166 -11.91 -6.40 -35.42
CA ASN C 166 -13.13 -7.19 -35.62
C ASN C 166 -12.91 -8.64 -35.16
N VAL C 167 -12.44 -8.81 -33.92
CA VAL C 167 -12.05 -10.13 -33.36
C VAL C 167 -13.12 -10.71 -32.43
N ILE C 168 -14.27 -10.06 -32.25
CA ILE C 168 -15.33 -10.63 -31.35
C ILE C 168 -16.57 -11.03 -32.17
N ARG C 169 -16.70 -10.61 -33.44
CA ARG C 169 -17.76 -11.12 -34.36
C ARG C 169 -19.14 -11.00 -33.68
N ASP C 170 -19.49 -9.83 -33.13
CA ASP C 170 -20.84 -9.54 -32.54
C ASP C 170 -21.14 -10.51 -31.38
N GLY C 171 -20.10 -11.06 -30.79
CA GLY C 171 -20.24 -12.01 -29.69
C GLY C 171 -20.22 -13.47 -30.11
N LYS C 172 -20.14 -13.78 -31.39
CA LYS C 172 -20.18 -15.20 -31.82
C LYS C 172 -18.93 -15.94 -31.35
N VAL C 173 -17.83 -15.24 -31.02
CA VAL C 173 -16.61 -15.93 -30.50
C VAL C 173 -16.90 -16.68 -29.19
N LEU C 174 -18.00 -16.40 -28.51
CA LEU C 174 -18.41 -17.13 -27.29
C LEU C 174 -18.81 -18.56 -27.62
N ASP C 175 -19.15 -18.84 -28.87
CA ASP C 175 -19.64 -20.17 -29.30
C ASP C 175 -18.46 -21.08 -29.64
N GLU C 176 -18.01 -21.90 -28.68
CA GLU C 176 -16.83 -22.80 -28.85
C GLU C 176 -17.14 -23.85 -29.94
N ASN C 177 -18.40 -24.08 -30.30
CA ASN C 177 -18.81 -25.11 -31.30
C ASN C 177 -19.17 -24.51 -32.65
N SER C 178 -19.02 -23.20 -32.85
CA SER C 178 -19.24 -22.57 -34.18
C SER C 178 -18.43 -23.30 -35.23
N THR C 179 -18.97 -23.51 -36.44
CA THR C 179 -18.19 -23.99 -37.63
C THR C 179 -18.08 -22.86 -38.65
N GLU C 180 -18.36 -21.62 -38.26
CA GLU C 180 -18.13 -20.46 -39.15
C GLU C 180 -16.62 -20.17 -39.20
N PRO C 181 -15.98 -20.25 -40.39
CA PRO C 181 -14.52 -20.04 -40.48
C PRO C 181 -14.05 -18.72 -39.86
N ALA C 182 -14.79 -17.63 -40.05
CA ALA C 182 -14.41 -16.32 -39.48
C ALA C 182 -14.44 -16.42 -37.96
N VAL C 183 -15.44 -17.12 -37.41
CA VAL C 183 -15.58 -17.16 -35.94
C VAL C 183 -14.48 -18.06 -35.38
N GLN C 184 -14.23 -19.20 -36.02
CA GLN C 184 -13.12 -20.09 -35.55
C GLN C 184 -11.80 -19.32 -35.69
N GLY C 185 -11.60 -18.54 -36.76
CA GLY C 185 -10.42 -17.72 -37.01
C GLY C 185 -10.22 -16.71 -35.89
N ALA C 186 -11.29 -16.05 -35.48
CA ALA C 186 -11.25 -15.02 -34.40
C ALA C 186 -10.96 -15.72 -33.07
N ARG C 187 -11.65 -16.82 -32.77
CA ARG C 187 -11.41 -17.58 -31.52
C ARG C 187 -9.93 -18.00 -31.44
N ARG C 188 -9.38 -18.59 -32.50
CA ARG C 188 -7.99 -19.10 -32.47
C ARG C 188 -7.08 -17.90 -32.24
N PHE C 189 -7.36 -16.76 -32.88
CA PHE C 189 -6.50 -15.58 -32.75
C PHE C 189 -6.50 -15.09 -31.31
N ASN C 190 -7.68 -15.03 -30.69
CA ASN C 190 -7.83 -14.51 -29.30
C ASN C 190 -7.11 -15.50 -28.36
N ALA C 191 -7.29 -16.80 -28.56
CA ALA C 191 -6.63 -17.83 -27.75
C ALA C 191 -5.12 -17.66 -27.88
N MET C 192 -4.65 -17.48 -29.10
CA MET C 192 -3.21 -17.26 -29.39
C MET C 192 -2.74 -16.06 -28.53
N LEU C 193 -3.44 -14.91 -28.56
CA LEU C 193 -3.02 -13.76 -27.71
C LEU C 193 -2.93 -14.15 -26.24
N GLY C 194 -3.91 -14.88 -25.71
CA GLY C 194 -3.93 -15.33 -24.30
C GLY C 194 -2.73 -16.20 -23.95
N ALA C 195 -2.15 -16.86 -24.94
CA ALA C 195 -1.05 -17.83 -24.74
C ALA C 195 0.28 -17.21 -25.14
N ASN C 196 0.30 -16.06 -25.80
CA ASN C 196 1.52 -15.56 -26.45
C ASN C 196 2.37 -14.74 -25.47
N THR C 197 3.55 -15.24 -25.12
CA THR C 197 4.45 -14.57 -24.16
C THR C 197 5.24 -13.44 -24.84
N ALA C 198 5.23 -13.26 -26.17
CA ALA C 198 5.98 -12.22 -26.91
C ALA C 198 5.22 -10.89 -26.88
N VAL C 199 3.97 -10.84 -26.40
CA VAL C 199 3.19 -9.57 -26.42
C VAL C 199 2.47 -9.39 -25.08
N ASP C 200 2.23 -8.12 -24.77
CA ASP C 200 1.22 -7.69 -23.78
C ASP C 200 -0.01 -7.23 -24.55
N ALA C 201 -1.18 -7.71 -24.21
CA ALA C 201 -2.35 -7.47 -25.12
C ALA C 201 -3.66 -7.35 -24.33
N THR C 202 -4.62 -6.70 -24.97
CA THR C 202 -6.03 -6.66 -24.55
C THR C 202 -6.91 -6.69 -25.79
N ILE C 203 -8.22 -6.85 -25.56
CA ILE C 203 -9.25 -6.66 -26.63
C ILE C 203 -10.18 -5.59 -26.11
N LEU C 204 -10.31 -4.50 -26.88
CA LEU C 204 -11.14 -3.35 -26.52
C LEU C 204 -12.52 -3.62 -27.09
N GLN C 205 -13.57 -3.63 -26.25
CA GLN C 205 -14.94 -3.72 -26.78
C GLN C 205 -15.46 -2.30 -26.88
N MET C 206 -15.89 -1.98 -28.08
CA MET C 206 -16.38 -0.64 -28.42
C MET C 206 -17.76 -0.75 -29.08
N VAL C 207 -18.52 0.33 -28.96
CA VAL C 207 -19.79 0.46 -29.72
C VAL C 207 -19.73 1.79 -30.47
N GLY C 208 -20.69 1.99 -31.38
CA GLY C 208 -20.69 3.15 -32.27
C GLY C 208 -19.76 2.86 -33.43
N VAL C 209 -18.47 2.74 -33.16
CA VAL C 209 -17.48 2.26 -34.16
C VAL C 209 -17.92 0.90 -34.74
N LYS C 210 -18.21 0.85 -36.04
CA LYS C 210 -18.65 -0.38 -36.76
C LYS C 210 -19.78 -1.04 -35.95
N GLU C 211 -20.62 -0.20 -35.30
CA GLU C 211 -21.78 -0.51 -34.41
C GLU C 211 -21.31 -1.20 -33.13
N TYR C 212 -20.63 -2.34 -33.26
CA TYR C 212 -20.14 -3.20 -32.14
C TYR C 212 -18.88 -3.89 -32.62
N ASP C 213 -17.74 -3.56 -32.01
CA ASP C 213 -16.43 -4.02 -32.53
C ASP C 213 -15.58 -4.49 -31.36
N GLY C 214 -14.75 -5.51 -31.63
CA GLY C 214 -13.64 -5.86 -30.73
C GLY C 214 -12.32 -5.58 -31.42
N MET C 215 -11.50 -4.74 -30.83
CA MET C 215 -10.19 -4.38 -31.43
C MET C 215 -9.09 -4.93 -30.53
N ALA C 216 -8.25 -5.83 -31.03
CA ALA C 216 -7.14 -6.37 -30.23
C ALA C 216 -5.98 -5.36 -30.31
N LEU C 217 -5.39 -5.02 -29.16
CA LEU C 217 -4.17 -4.19 -29.10
C LEU C 217 -3.06 -5.01 -28.48
N ALA C 218 -1.91 -5.15 -29.14
CA ALA C 218 -0.80 -5.98 -28.62
C ALA C 218 0.49 -5.17 -28.75
N ILE C 219 1.30 -5.17 -27.69
CA ILE C 219 2.61 -4.49 -27.72
C ILE C 219 3.67 -5.58 -27.66
N VAL C 220 4.56 -5.56 -28.63
CA VAL C 220 5.62 -6.58 -28.79
C VAL C 220 6.75 -6.37 -27.75
N LYS C 221 7.15 -7.48 -27.14
CA LYS C 221 8.21 -7.49 -26.11
C LYS C 221 9.48 -8.02 -26.75
N LEU C 222 10.64 -7.66 -26.19
CA LEU C 222 11.93 -8.29 -26.58
C LEU C 222 11.95 -9.73 -26.05
N GLU C 223 12.04 -10.73 -26.95
CA GLU C 223 12.26 -12.16 -26.61
C GLU C 223 13.71 -12.51 -26.94
N GLN D 4 29.43 2.88 36.61
CA GLN D 4 29.03 2.78 35.19
C GLN D 4 27.58 3.22 35.02
N ILE D 5 27.27 3.87 33.91
CA ILE D 5 26.03 4.66 33.82
C ILE D 5 24.82 3.72 33.83
N PHE D 6 24.74 2.70 32.96
CA PHE D 6 23.48 1.89 32.88
C PHE D 6 23.25 1.15 34.19
N GLU D 7 24.31 0.63 34.79
CA GLU D 7 24.16 -0.11 36.08
C GLU D 7 23.69 0.86 37.19
N SER D 8 24.20 2.08 37.22
CA SER D 8 23.85 3.07 38.25
C SER D 8 22.39 3.52 38.09
N VAL D 9 22.00 3.79 36.85
CA VAL D 9 20.60 4.14 36.54
C VAL D 9 19.70 2.94 36.87
N ASP D 10 20.12 1.71 36.63
CA ASP D 10 19.26 0.54 36.95
C ASP D 10 18.98 0.52 38.47
N HIS D 11 19.98 0.79 39.30
CA HIS D 11 19.85 0.75 40.78
C HIS D 11 18.98 1.92 41.23
N TYR D 12 19.12 3.08 40.58
CA TYR D 12 18.25 4.24 40.89
C TYR D 12 16.78 3.88 40.61
N ILE D 13 16.55 3.20 39.49
CA ILE D 13 15.17 2.75 39.13
C ILE D 13 14.66 1.70 40.11
N SER D 14 15.44 0.72 40.53
CA SER D 14 14.91 -0.35 41.40
C SER D 14 14.72 0.21 42.81
N ASP D 15 15.54 1.19 43.19
CA ASP D 15 15.35 1.90 44.49
C ASP D 15 13.99 2.61 44.50
N LEU D 16 13.57 3.14 43.36
CA LEU D 16 12.28 3.86 43.29
C LEU D 16 11.13 2.88 43.12
N LEU D 17 11.29 1.88 42.23
CA LEU D 17 10.16 1.17 41.58
C LEU D 17 10.39 -0.34 41.46
N GLY D 18 11.38 -0.89 42.19
CA GLY D 18 11.80 -2.29 42.06
C GLY D 18 12.02 -2.94 43.38
N TYR D 19 11.14 -2.65 44.35
CA TYR D 19 11.29 -3.21 45.71
C TYR D 19 11.15 -4.74 45.67
N GLU D 20 12.10 -5.41 46.33
CA GLU D 20 12.10 -6.88 46.45
C GLU D 20 11.86 -7.30 47.90
N ASP D 21 10.85 -8.14 48.12
CA ASP D 21 10.54 -8.69 49.45
C ASP D 21 11.48 -9.85 49.77
N ASP D 22 11.32 -10.40 50.96
CA ASP D 22 12.17 -11.52 51.41
C ASP D 22 12.05 -12.71 50.46
N ALA D 23 10.88 -13.00 49.89
CA ALA D 23 10.70 -14.18 49.02
C ALA D 23 11.59 -14.02 47.79
N LEU D 24 11.63 -12.82 47.21
CA LEU D 24 12.40 -12.62 45.96
C LEU D 24 13.89 -12.65 46.30
N LEU D 25 14.27 -12.06 47.43
CA LEU D 25 15.71 -12.04 47.80
C LEU D 25 16.18 -13.48 48.06
N ALA D 26 15.35 -14.26 48.73
CA ALA D 26 15.59 -15.70 49.03
C ALA D 26 15.72 -16.46 47.71
N ALA D 27 14.90 -16.14 46.71
CA ALA D 27 14.99 -16.77 45.37
C ALA D 27 16.35 -16.44 44.72
N THR D 28 16.83 -15.21 44.84
CA THR D 28 18.12 -14.78 44.27
C THR D 28 19.22 -15.63 44.92
N ASN D 29 19.17 -15.79 46.23
CA ASN D 29 20.24 -16.42 47.05
C ASN D 29 20.25 -17.95 46.83
N SER D 30 19.11 -18.53 46.47
CA SER D 30 18.84 -19.99 46.51
C SER D 30 19.77 -20.72 45.52
N LEU D 31 20.16 -20.11 44.41
CA LEU D 31 21.04 -20.79 43.42
C LEU D 31 22.37 -21.19 44.09
N ALA D 32 23.09 -20.20 44.65
CA ALA D 32 24.35 -20.40 45.41
C ALA D 32 24.12 -21.30 46.63
N GLU D 33 23.04 -21.10 47.37
CA GLU D 33 22.68 -21.85 48.61
C GLU D 33 22.59 -23.35 48.34
N ALA D 34 22.11 -23.73 47.13
CA ALA D 34 22.33 -25.07 46.53
C ALA D 34 23.79 -25.10 46.03
N GLY D 35 24.11 -25.95 45.06
CA GLY D 35 25.47 -25.97 44.49
C GLY D 35 25.46 -25.52 43.04
N MET D 36 24.57 -24.59 42.71
CA MET D 36 24.19 -24.31 41.31
C MET D 36 24.82 -22.98 40.89
N PRO D 37 25.10 -22.80 39.58
CA PRO D 37 25.64 -21.51 39.09
C PRO D 37 24.63 -20.39 39.35
N ALA D 38 25.11 -19.22 39.81
CA ALA D 38 24.31 -17.98 39.99
C ALA D 38 24.06 -17.39 38.60
N ILE D 39 22.88 -16.82 38.37
CA ILE D 39 22.39 -16.43 37.00
C ILE D 39 22.14 -14.91 36.92
N SER D 40 22.22 -14.19 38.05
CA SER D 40 21.92 -12.74 38.15
C SER D 40 20.44 -12.45 37.84
N VAL D 41 19.82 -11.63 38.67
CA VAL D 41 18.36 -11.36 38.58
C VAL D 41 18.20 -9.86 38.32
N SER D 42 17.06 -9.49 37.77
CA SER D 42 16.68 -8.09 37.46
C SER D 42 15.32 -7.81 38.07
N PRO D 43 15.25 -7.23 39.28
CA PRO D 43 13.97 -6.74 39.78
C PRO D 43 13.24 -5.80 38.81
N ASN D 44 13.93 -4.96 38.05
CA ASN D 44 13.24 -4.03 37.14
C ASN D 44 12.61 -4.84 35.99
N GLN D 45 13.27 -5.88 35.53
CA GLN D 45 12.67 -6.76 34.52
C GLN D 45 11.42 -7.45 35.13
N GLY D 46 11.55 -7.95 36.36
CA GLY D 46 10.44 -8.59 37.06
C GLY D 46 9.27 -7.63 37.19
N LYS D 47 9.53 -6.39 37.59
CA LYS D 47 8.45 -5.38 37.71
C LYS D 47 7.81 -5.15 36.33
N PHE D 48 8.61 -5.01 35.29
CA PHE D 48 8.12 -4.87 33.88
C PHE D 48 7.19 -6.04 33.50
N LEU D 49 7.62 -7.28 33.72
CA LEU D 49 6.79 -8.46 33.36
C LEU D 49 5.50 -8.44 34.19
N GLN D 50 5.58 -8.07 35.47
CA GLN D 50 4.38 -8.00 36.32
C GLN D 50 3.41 -6.98 35.70
N LEU D 51 3.91 -5.79 35.32
CA LEU D 51 3.10 -4.70 34.72
C LEU D 51 2.45 -5.16 33.42
N LEU D 52 3.17 -5.88 32.58
CA LEU D 52 2.61 -6.47 31.35
C LEU D 52 1.50 -7.46 31.74
N ALA D 53 1.69 -8.30 32.74
CA ALA D 53 0.61 -9.24 33.20
C ALA D 53 -0.64 -8.46 33.65
N GLN D 54 -0.48 -7.37 34.43
CA GLN D 54 -1.58 -6.51 34.93
C GLN D 54 -2.28 -5.85 33.75
N LEU D 55 -1.51 -5.35 32.80
CA LEU D 55 -2.08 -4.68 31.60
C LEU D 55 -2.95 -5.68 30.82
N CYS D 56 -2.49 -6.92 30.62
CA CYS D 56 -3.21 -8.08 29.98
C CYS D 56 -4.42 -8.53 30.84
N GLN D 57 -4.53 -8.12 32.11
CA GLN D 57 -5.56 -8.64 33.04
C GLN D 57 -5.38 -10.17 33.05
N ALA D 58 -4.14 -10.64 33.09
CA ALA D 58 -3.81 -12.07 32.92
C ALA D 58 -4.43 -12.86 34.07
N LYS D 59 -5.09 -13.97 33.72
CA LYS D 59 -5.50 -15.01 34.71
C LYS D 59 -4.82 -16.34 34.44
N ASN D 60 -4.18 -16.50 33.28
CA ASN D 60 -3.50 -17.75 32.85
C ASN D 60 -2.18 -17.31 32.19
N ILE D 61 -1.06 -17.70 32.78
CA ILE D 61 0.30 -17.32 32.30
C ILE D 61 1.11 -18.61 32.09
N LEU D 62 1.84 -18.65 30.98
CA LEU D 62 2.77 -19.76 30.65
C LEU D 62 4.19 -19.20 30.62
N GLU D 63 5.11 -19.86 31.31
CA GLU D 63 6.55 -19.45 31.34
C GLU D 63 7.35 -20.63 30.86
N LEU D 64 8.26 -20.38 29.92
CA LEU D 64 9.29 -21.38 29.54
C LEU D 64 10.61 -20.92 30.15
N GLY D 65 11.17 -21.72 31.05
CA GLY D 65 12.47 -21.41 31.67
C GLY D 65 12.33 -20.92 33.11
N THR D 66 11.86 -21.77 34.02
CA THR D 66 11.60 -21.39 35.43
C THR D 66 12.88 -20.89 36.11
N LEU D 67 13.98 -21.61 35.89
CA LEU D 67 15.24 -21.44 36.68
C LEU D 67 14.89 -21.57 38.16
N ALA D 68 15.10 -20.53 39.00
CA ALA D 68 14.76 -20.63 40.45
C ALA D 68 13.46 -19.90 40.78
N GLY D 69 12.66 -19.58 39.75
CA GLY D 69 11.32 -19.02 39.97
C GLY D 69 11.34 -17.53 40.22
N TYR D 70 12.44 -16.82 40.01
CA TYR D 70 12.48 -15.37 40.28
C TYR D 70 11.41 -14.63 39.45
N SER D 71 11.41 -14.82 38.14
CA SER D 71 10.43 -14.15 37.24
C SER D 71 9.05 -14.71 37.52
N THR D 72 8.98 -16.00 37.90
CA THR D 72 7.70 -16.69 38.20
C THR D 72 6.99 -15.98 39.35
N ILE D 73 7.75 -15.60 40.34
CA ILE D 73 7.19 -14.89 41.53
C ILE D 73 6.62 -13.53 41.13
N TRP D 74 7.39 -12.76 40.40
CA TRP D 74 6.93 -11.45 39.90
C TRP D 74 5.64 -11.57 39.09
N MET D 75 5.57 -12.49 38.11
CA MET D 75 4.37 -12.60 37.24
C MET D 75 3.18 -13.20 38.01
N ALA D 76 3.37 -14.21 38.87
CA ALA D 76 2.24 -14.86 39.57
C ALA D 76 1.60 -13.86 40.55
N ARG D 77 2.35 -12.90 41.07
CA ARG D 77 1.81 -11.83 41.94
C ARG D 77 0.83 -10.91 41.19
N ALA D 78 0.75 -10.93 39.85
CA ALA D 78 -0.29 -10.18 39.10
C ALA D 78 -1.61 -10.97 38.94
N LEU D 79 -1.65 -12.26 39.25
CA LEU D 79 -2.84 -13.11 38.98
C LEU D 79 -3.96 -12.77 39.96
N PRO D 80 -5.22 -13.01 39.55
CA PRO D 80 -6.35 -13.06 40.47
C PRO D 80 -6.22 -14.34 41.31
N LYS D 81 -7.01 -14.50 42.38
CA LYS D 81 -6.99 -15.68 43.30
C LYS D 81 -7.07 -17.01 42.53
N ASN D 82 -7.96 -17.11 41.53
CA ASN D 82 -8.21 -18.36 40.82
C ASN D 82 -7.31 -18.46 39.57
N GLY D 83 -6.37 -17.52 39.42
CA GLY D 83 -5.46 -17.51 38.28
C GLY D 83 -4.45 -18.64 38.36
N ARG D 84 -3.75 -18.93 37.25
CA ARG D 84 -2.77 -20.03 37.24
C ARG D 84 -1.59 -19.59 36.37
N LEU D 85 -0.41 -19.93 36.83
CA LEU D 85 0.82 -19.84 36.02
C LEU D 85 1.45 -21.23 35.92
N ILE D 86 1.60 -21.71 34.69
CA ILE D 86 2.32 -22.96 34.40
C ILE D 86 3.73 -22.56 33.95
N THR D 87 4.75 -23.12 34.59
CA THR D 87 6.15 -22.82 34.24
C THR D 87 6.89 -24.12 33.94
N LEU D 88 7.73 -24.07 32.90
CA LEU D 88 8.46 -25.28 32.41
C LEU D 88 9.94 -25.13 32.69
N GLU D 89 10.56 -26.17 33.24
CA GLU D 89 12.01 -26.17 33.57
C GLU D 89 12.63 -27.50 33.12
N TYR D 90 13.72 -27.42 32.33
CA TYR D 90 14.47 -28.59 31.84
C TYR D 90 15.11 -29.34 33.01
N ASP D 91 15.70 -28.60 33.95
CA ASP D 91 16.65 -29.18 34.94
C ASP D 91 15.88 -29.48 36.21
N PRO D 92 15.75 -30.75 36.61
CA PRO D 92 14.90 -31.09 37.75
C PRO D 92 15.35 -30.44 39.07
N LYS D 93 16.65 -30.27 39.28
CA LYS D 93 17.15 -29.65 40.53
C LYS D 93 16.75 -28.17 40.59
N HIS D 94 16.85 -27.48 39.47
CA HIS D 94 16.37 -26.08 39.35
C HIS D 94 14.88 -26.05 39.70
N ALA D 95 14.08 -26.94 39.10
CA ALA D 95 12.60 -26.95 39.28
C ALA D 95 12.29 -27.14 40.78
N ALA D 96 13.07 -27.96 41.48
CA ALA D 96 12.91 -28.24 42.93
C ALA D 96 13.22 -26.97 43.75
N VAL D 97 14.26 -26.25 43.37
CA VAL D 97 14.67 -25.01 44.10
C VAL D 97 13.57 -23.98 43.87
N ALA D 98 13.09 -23.89 42.64
CA ALA D 98 11.99 -22.99 42.24
C ALA D 98 10.73 -23.33 43.05
N GLN D 99 10.40 -24.61 43.26
CA GLN D 99 9.20 -24.97 44.05
C GLN D 99 9.32 -24.43 45.48
N LYS D 100 10.50 -24.62 46.10
CA LYS D 100 10.78 -24.10 47.46
C LYS D 100 10.62 -22.58 47.49
N ASN D 101 11.09 -21.92 46.45
CA ASN D 101 11.00 -20.43 46.33
C ASN D 101 9.54 -19.99 46.18
N ILE D 102 8.79 -20.71 45.37
CA ILE D 102 7.34 -20.46 45.14
C ILE D 102 6.57 -20.67 46.45
N ASP D 103 6.93 -21.71 47.18
CA ASP D 103 6.22 -22.07 48.42
C ASP D 103 6.52 -20.96 49.44
N ARG D 104 7.77 -20.50 49.48
CA ARG D 104 8.20 -19.43 50.42
C ARG D 104 7.37 -18.17 50.12
N ALA D 105 7.05 -17.92 48.86
CA ALA D 105 6.30 -16.72 48.46
C ALA D 105 4.79 -16.90 48.68
N GLY D 106 4.31 -18.06 49.14
CA GLY D 106 2.88 -18.33 49.31
C GLY D 106 2.13 -18.47 48.00
N LEU D 107 2.82 -18.82 46.92
CA LEU D 107 2.21 -18.91 45.56
C LEU D 107 1.90 -20.34 45.13
N THR D 108 2.02 -21.33 46.03
CA THR D 108 1.82 -22.77 45.72
C THR D 108 0.51 -23.02 44.95
N SER D 109 -0.60 -22.44 45.38
CA SER D 109 -1.93 -22.78 44.81
C SER D 109 -2.06 -22.24 43.38
N GLN D 110 -1.28 -21.22 43.00
CA GLN D 110 -1.46 -20.55 41.68
C GLN D 110 -0.38 -20.93 40.64
N VAL D 111 0.66 -21.67 41.03
CA VAL D 111 1.83 -22.00 40.15
C VAL D 111 1.96 -23.53 40.04
N GLN D 112 2.11 -24.01 38.81
CA GLN D 112 2.35 -25.45 38.52
C GLN D 112 3.69 -25.52 37.77
N ILE D 113 4.70 -26.13 38.38
CA ILE D 113 6.03 -26.36 37.74
C ILE D 113 6.00 -27.71 37.07
N ARG D 114 6.36 -27.72 35.79
CA ARG D 114 6.50 -28.94 34.98
C ARG D 114 7.96 -29.07 34.58
N THR D 115 8.49 -30.27 34.77
CA THR D 115 9.91 -30.57 34.63
C THR D 115 10.03 -31.45 33.40
N GLY D 116 10.92 -31.09 32.48
CA GLY D 116 11.15 -31.84 31.25
C GLY D 116 11.46 -30.92 30.11
N LYS D 117 11.50 -31.46 28.90
CA LYS D 117 11.87 -30.65 27.74
C LYS D 117 10.63 -29.89 27.33
N ALA D 118 10.75 -28.57 27.19
CA ALA D 118 9.62 -27.71 26.77
C ALA D 118 9.05 -28.27 25.46
N ILE D 119 9.87 -28.80 24.56
CA ILE D 119 9.34 -29.20 23.23
C ILE D 119 8.41 -30.43 23.37
N ASP D 120 8.55 -31.20 24.46
CA ASP D 120 7.70 -32.35 24.84
C ASP D 120 6.50 -31.92 25.69
N ILE D 121 6.67 -30.94 26.57
CA ILE D 121 5.57 -30.50 27.47
C ILE D 121 4.53 -29.69 26.68
N LEU D 122 4.96 -28.84 25.76
CA LEU D 122 4.04 -27.94 25.01
C LEU D 122 2.90 -28.75 24.35
N PRO D 123 3.17 -29.85 23.60
CA PRO D 123 2.08 -30.68 23.08
C PRO D 123 1.16 -31.30 24.15
N GLN D 124 1.71 -31.64 25.31
CA GLN D 124 0.90 -32.17 26.44
C GLN D 124 -0.06 -31.07 26.91
N LEU D 125 0.39 -29.82 26.97
CA LEU D 125 -0.52 -28.72 27.42
C LEU D 125 -1.66 -28.57 26.41
N VAL D 126 -1.38 -28.68 25.10
CA VAL D 126 -2.44 -28.60 24.05
C VAL D 126 -3.38 -29.81 24.23
N GLU D 127 -2.83 -31.02 24.39
CA GLU D 127 -3.67 -32.24 24.62
C GLU D 127 -4.57 -32.07 25.86
N GLU D 128 -4.04 -31.51 26.95
CA GLU D 128 -4.75 -31.37 28.24
C GLU D 128 -5.78 -30.24 28.19
N GLY D 129 -5.69 -29.35 27.20
CA GLY D 129 -6.48 -28.11 27.12
C GLY D 129 -6.12 -27.13 28.22
N ALA D 130 -4.82 -26.99 28.55
CA ALA D 130 -4.30 -26.09 29.62
C ALA D 130 -4.36 -24.64 29.17
N GLY D 131 -4.47 -24.37 27.88
CA GLY D 131 -4.53 -22.99 27.38
C GLY D 131 -5.96 -22.48 27.41
N PRO D 132 -6.24 -21.25 26.93
CA PRO D 132 -5.23 -20.39 26.33
C PRO D 132 -4.60 -19.58 27.45
N PHE D 133 -3.45 -19.00 27.17
CA PHE D 133 -2.74 -18.14 28.13
C PHE D 133 -2.97 -16.70 27.67
N ASP D 134 -3.17 -15.80 28.64
CA ASP D 134 -3.27 -14.34 28.33
C ASP D 134 -1.88 -13.77 28.05
N MET D 135 -0.87 -14.33 28.68
CA MET D 135 0.53 -13.89 28.56
C MET D 135 1.44 -15.12 28.62
N ILE D 136 2.47 -15.15 27.76
CA ILE D 136 3.44 -16.27 27.66
C ILE D 136 4.80 -15.58 27.71
N PHE D 137 5.66 -16.00 28.61
CA PHE D 137 7.05 -15.49 28.75
C PHE D 137 8.03 -16.60 28.41
N ILE D 138 8.83 -16.43 27.35
CA ILE D 138 9.83 -17.46 26.91
C ILE D 138 11.23 -16.99 27.29
N ASP D 139 11.93 -17.71 28.15
CA ASP D 139 13.37 -17.43 28.44
C ASP D 139 14.06 -18.76 28.70
N ALA D 140 13.96 -19.66 27.74
CA ALA D 140 14.55 -21.02 27.81
C ALA D 140 15.74 -21.06 26.84
N ASP D 141 16.12 -22.25 26.36
CA ASP D 141 17.24 -22.40 25.39
C ASP D 141 16.81 -21.79 24.05
N LYS D 142 17.76 -21.18 23.33
CA LYS D 142 17.42 -20.34 22.15
C LYS D 142 17.24 -21.16 20.88
N PRO D 143 18.01 -22.26 20.67
CA PRO D 143 17.89 -22.98 19.39
C PRO D 143 16.44 -23.23 18.98
N PRO D 144 15.57 -23.69 19.88
CA PRO D 144 14.18 -23.95 19.51
C PRO D 144 13.16 -22.81 19.70
N TYR D 145 13.61 -21.57 19.91
CA TYR D 145 12.66 -20.44 20.13
C TYR D 145 11.62 -20.44 19.00
N THR D 146 12.02 -20.67 17.76
CA THR D 146 11.04 -20.63 16.65
C THR D 146 9.92 -21.66 16.91
N GLU D 147 10.27 -22.88 17.27
CA GLU D 147 9.28 -23.97 17.51
C GLU D 147 8.51 -23.66 18.81
N TYR D 148 9.20 -23.19 19.85
CA TYR D 148 8.54 -22.77 21.10
C TYR D 148 7.42 -21.80 20.74
N PHE D 149 7.70 -20.87 19.86
CA PHE D 149 6.72 -19.82 19.51
C PHE D 149 5.53 -20.41 18.77
N GLN D 150 5.74 -21.42 17.91
CA GLN D 150 4.59 -22.00 17.15
C GLN D 150 3.64 -22.76 18.11
N TRP D 151 4.18 -23.49 19.09
CA TRP D 151 3.38 -24.17 20.14
C TRP D 151 2.68 -23.10 21.00
N ALA D 152 3.37 -22.01 21.29
CA ALA D 152 2.79 -20.88 22.08
C ALA D 152 1.52 -20.38 21.38
N LEU D 153 1.56 -20.19 20.08
CA LEU D 153 0.37 -19.70 19.35
C LEU D 153 -0.81 -20.69 19.50
N ARG D 154 -0.58 -22.01 19.55
CA ARG D 154 -1.67 -23.02 19.72
C ARG D 154 -2.25 -22.88 21.13
N LEU D 155 -1.50 -22.31 22.06
CA LEU D 155 -1.88 -22.13 23.47
C LEU D 155 -2.30 -20.67 23.69
N SER D 156 -2.58 -19.93 22.61
CA SER D 156 -2.86 -18.47 22.66
C SER D 156 -4.29 -18.22 22.21
N ARG D 157 -4.78 -17.00 22.43
CA ARG D 157 -6.06 -16.53 21.83
C ARG D 157 -5.79 -15.15 21.27
N PRO D 158 -6.68 -14.60 20.45
CA PRO D 158 -6.54 -13.22 19.97
C PRO D 158 -6.33 -12.22 21.10
N GLY D 159 -5.23 -11.47 21.06
CA GLY D 159 -4.89 -10.53 22.15
C GLY D 159 -3.83 -11.07 23.08
N THR D 160 -3.49 -12.37 23.02
CA THR D 160 -2.44 -12.96 23.90
C THR D 160 -1.15 -12.15 23.66
N LEU D 161 -0.44 -11.82 24.74
CA LEU D 161 0.92 -11.22 24.69
C LEU D 161 1.97 -12.32 24.84
N ILE D 162 2.90 -12.41 23.89
CA ILE D 162 4.01 -13.38 23.96
C ILE D 162 5.27 -12.52 24.10
N VAL D 163 6.04 -12.78 25.16
CA VAL D 163 7.32 -12.07 25.44
C VAL D 163 8.43 -13.10 25.36
N ALA D 164 9.47 -12.83 24.56
CA ALA D 164 10.61 -13.74 24.39
C ALA D 164 11.87 -13.00 24.79
N ASP D 165 12.59 -13.49 25.79
CA ASP D 165 13.72 -12.74 26.37
C ASP D 165 15.04 -13.09 25.66
N ASN D 166 15.97 -12.13 25.68
CA ASN D 166 17.39 -12.31 25.38
C ASN D 166 17.55 -12.73 23.91
N VAL D 167 16.99 -11.93 22.99
CA VAL D 167 16.94 -12.33 21.57
C VAL D 167 17.98 -11.56 20.76
N ILE D 168 18.78 -10.67 21.35
CA ILE D 168 19.83 -9.96 20.57
C ILE D 168 21.25 -10.43 20.92
N ARG D 169 21.43 -11.17 22.01
CA ARG D 169 22.73 -11.86 22.31
C ARG D 169 23.88 -10.84 22.23
N ASP D 170 23.74 -9.68 22.88
CA ASP D 170 24.79 -8.62 23.01
C ASP D 170 25.21 -8.06 21.64
N GLY D 171 24.35 -8.21 20.64
CA GLY D 171 24.60 -7.74 19.27
C GLY D 171 25.09 -8.84 18.37
N LYS D 172 25.31 -10.06 18.87
CA LYS D 172 25.87 -11.16 18.04
C LYS D 172 24.88 -11.55 16.95
N VAL D 173 23.60 -11.25 17.11
CA VAL D 173 22.59 -11.61 16.06
C VAL D 173 22.88 -10.85 14.78
N LEU D 174 23.70 -9.79 14.80
CA LEU D 174 24.11 -9.05 13.58
C LEU D 174 25.02 -9.94 12.72
N ASP D 175 25.57 -11.00 13.29
CA ASP D 175 26.58 -11.83 12.58
C ASP D 175 25.87 -12.96 11.82
N GLU D 176 25.66 -12.83 10.51
CA GLU D 176 24.92 -13.84 9.69
C GLU D 176 25.75 -15.13 9.53
N ASN D 177 27.04 -15.11 9.85
CA ASN D 177 27.96 -16.28 9.76
C ASN D 177 28.30 -16.86 11.13
N SER D 178 27.63 -16.44 12.20
CA SER D 178 27.88 -17.02 13.54
C SER D 178 27.52 -18.52 13.45
N THR D 179 28.26 -19.42 14.10
CA THR D 179 27.84 -20.84 14.20
C THR D 179 27.57 -21.16 15.67
N GLU D 180 27.39 -20.14 16.49
CA GLU D 180 27.01 -20.34 17.91
C GLU D 180 25.51 -20.68 17.93
N PRO D 181 25.10 -21.87 18.43
CA PRO D 181 23.69 -22.28 18.36
C PRO D 181 22.71 -21.27 18.99
N ALA D 182 23.04 -20.66 20.13
CA ALA D 182 22.15 -19.65 20.76
C ALA D 182 21.97 -18.46 19.80
N VAL D 183 23.01 -18.03 19.11
CA VAL D 183 22.91 -16.88 18.18
C VAL D 183 22.13 -17.30 16.94
N GLN D 184 22.42 -18.49 16.36
CA GLN D 184 21.64 -18.98 15.20
C GLN D 184 20.17 -19.04 15.63
N GLY D 185 19.92 -19.49 16.86
CA GLY D 185 18.54 -19.65 17.39
C GLY D 185 17.82 -18.32 17.48
N ALA D 186 18.51 -17.32 18.01
CA ALA D 186 17.90 -15.99 18.19
C ALA D 186 17.69 -15.39 16.80
N ARG D 187 18.66 -15.57 15.87
CA ARG D 187 18.48 -15.00 14.50
C ARG D 187 17.26 -15.64 13.83
N ARG D 188 17.11 -16.96 13.91
CA ARG D 188 16.01 -17.68 13.23
C ARG D 188 14.70 -17.18 13.83
N PHE D 189 14.68 -16.99 15.16
CA PHE D 189 13.44 -16.57 15.85
C PHE D 189 13.08 -15.13 15.44
N ASN D 190 14.07 -14.23 15.36
CA ASN D 190 13.83 -12.82 15.01
C ASN D 190 13.33 -12.73 13.55
N ALA D 191 13.93 -13.48 12.64
CA ALA D 191 13.53 -13.42 11.21
C ALA D 191 12.11 -14.00 11.09
N MET D 192 11.80 -15.05 11.82
CA MET D 192 10.46 -15.65 11.90
C MET D 192 9.50 -14.54 12.34
N LEU D 193 9.85 -13.84 13.42
CA LEU D 193 8.93 -12.84 13.99
C LEU D 193 8.71 -11.70 12.99
N GLY D 194 9.75 -11.24 12.28
CA GLY D 194 9.65 -10.18 11.26
C GLY D 194 8.74 -10.58 10.11
N ALA D 195 8.72 -11.85 9.70
CA ALA D 195 7.85 -12.35 8.60
C ALA D 195 6.47 -12.77 9.12
N ASN D 196 6.26 -12.84 10.45
CA ASN D 196 5.05 -13.50 10.99
C ASN D 196 3.85 -12.54 10.81
N THR D 197 2.75 -13.01 10.20
CA THR D 197 1.52 -12.20 10.01
C THR D 197 0.44 -12.68 10.98
N ALA D 198 0.72 -13.64 11.90
CA ALA D 198 -0.23 -14.09 12.95
C ALA D 198 -0.08 -13.23 14.21
N VAL D 199 0.96 -12.41 14.25
CA VAL D 199 1.25 -11.48 15.37
C VAL D 199 1.60 -10.08 14.84
N ASP D 200 1.41 -9.10 15.71
CA ASP D 200 2.05 -7.78 15.61
C ASP D 200 3.16 -7.72 16.65
N ALA D 201 4.34 -7.25 16.31
CA ALA D 201 5.49 -7.51 17.21
C ALA D 201 6.58 -6.45 17.08
N THR D 202 7.41 -6.34 18.11
CA THR D 202 8.64 -5.52 18.14
C THR D 202 9.69 -6.25 18.97
N ILE D 203 10.90 -5.73 18.93
CA ILE D 203 11.98 -6.13 19.90
C ILE D 203 12.43 -4.84 20.59
N LEU D 204 12.31 -4.83 21.91
CA LEU D 204 12.74 -3.70 22.76
C LEU D 204 14.20 -3.91 23.11
N GLN D 205 15.06 -2.93 22.81
CA GLN D 205 16.47 -2.97 23.21
C GLN D 205 16.58 -2.17 24.49
N MET D 206 17.07 -2.79 25.52
CA MET D 206 17.10 -2.18 26.87
C MET D 206 18.50 -2.35 27.47
N VAL D 207 18.87 -1.40 28.34
CA VAL D 207 20.12 -1.55 29.14
C VAL D 207 19.72 -1.55 30.61
N GLY D 208 20.68 -1.84 31.48
CA GLY D 208 20.45 -1.95 32.94
C GLY D 208 19.90 -3.31 33.25
N VAL D 209 18.70 -3.63 32.73
CA VAL D 209 18.09 -4.97 32.75
C VAL D 209 19.00 -6.00 32.07
N LYS D 210 19.51 -6.96 32.86
CA LYS D 210 20.44 -8.02 32.38
C LYS D 210 21.58 -7.35 31.58
N GLU D 211 22.01 -6.16 32.03
CA GLU D 211 23.03 -5.24 31.45
C GLU D 211 22.56 -4.68 30.12
N TYR D 212 22.32 -5.55 29.15
CA TYR D 212 21.96 -5.24 27.74
C TYR D 212 21.09 -6.39 27.27
N ASP D 213 19.84 -6.11 26.94
CA ASP D 213 18.85 -7.17 26.68
C ASP D 213 18.05 -6.77 25.45
N GLY D 214 17.61 -7.76 24.68
CA GLY D 214 16.53 -7.57 23.72
C GLY D 214 15.34 -8.41 24.13
N MET D 215 14.17 -7.78 24.25
CA MET D 215 12.93 -8.49 24.64
C MET D 215 11.96 -8.38 23.47
N ALA D 216 11.54 -9.51 22.89
CA ALA D 216 10.56 -9.51 21.79
C ALA D 216 9.17 -9.44 22.42
N LEU D 217 8.30 -8.57 21.92
CA LEU D 217 6.90 -8.46 22.41
C LEU D 217 6.01 -8.73 21.18
N ALA D 218 5.09 -9.69 21.28
CA ALA D 218 4.18 -10.03 20.16
C ALA D 218 2.74 -10.09 20.69
N ILE D 219 1.78 -9.55 19.94
CA ILE D 219 0.34 -9.66 20.29
C ILE D 219 -0.28 -10.53 19.24
N VAL D 220 -0.97 -11.58 19.68
CA VAL D 220 -1.58 -12.56 18.77
C VAL D 220 -2.82 -11.95 18.11
N LYS D 221 -2.89 -12.06 16.78
CA LYS D 221 -4.03 -11.57 15.95
C LYS D 221 -5.08 -12.69 15.86
N LEU D 222 -6.35 -12.34 15.60
CA LEU D 222 -7.35 -13.38 15.18
C LEU D 222 -7.08 -13.80 13.74
N GLU D 223 -7.23 -15.09 13.42
CA GLU D 223 -7.42 -15.71 12.08
C GLU D 223 -6.20 -16.60 11.79
#